data_4KMH
#
_entry.id   4KMH
#
_cell.length_a   73.634
_cell.length_b   122.329
_cell.length_c   118.751
_cell.angle_alpha   90.000
_cell.angle_beta   90.410
_cell.angle_gamma   90.000
#
_symmetry.space_group_name_H-M   'C 1 2 1'
#
loop_
_entity.id
_entity.type
_entity.pdbx_description
1 polymer 'Suppressor of fused homolog'
2 water water
#
_entity_poly.entity_id   1
_entity_poly.type   'polypeptide(L)'
_entity_poly.pdbx_seq_one_letter_code
;MGSSHHHHHHSSGLVPRGSHMAELRPSGAPGPTAPPAPGPTAPPAFASLFPPGLHAIYGECRRLYPDQPNPLQVTAIVKY
WLGGPDPLDYVSMYRNVGSPSANIPEHWHYISFGLSDLYGDNRVHEFTGTDGPSGFGFELTFRLKRETGESAPPTWPAEL
MQGLARYVFQSENTFCSGDHVSWHSPLDNSESRIQHMLLTEDPQMQPVQTPFGVVTFLQIVGVCTEELHSAQQWNGQGIL
ELLRTVPIAGGPWLITDMRRGETIFEIDPHLQERVDKGIETDGSNLSGVSAKCAWDDLSRPPEDDEDSRSICIGTQPRRL
SGKDTPINPQRQNGLAHDRAPSRKDSLESDSSTAIIPHELIRTRQLESVHLKFNQESGALIPLCLRGRLLHGRHFTYKSI
TGDMAITFVSTGVEGAFATEEHPYAAHGPWLQILLTEEFVEKMLEDLEDLTSPEEFKLPKEYSWPEKKLKVSILPDVVFD
SPLH
;
_entity_poly.pdbx_strand_id   A,B
#
# COMPACT_ATOMS: atom_id res chain seq x y z
N ARG A 17 -48.19 36.61 35.28
CA ARG A 17 -48.68 35.19 35.30
C ARG A 17 -47.55 34.17 35.18
N GLY A 18 -46.56 34.46 34.34
CA GLY A 18 -45.43 33.57 34.13
C GLY A 18 -45.63 32.63 32.96
N SER A 19 -44.61 31.83 32.66
CA SER A 19 -44.66 30.88 31.55
C SER A 19 -45.18 29.52 31.98
N HIS A 20 -45.88 28.83 31.07
CA HIS A 20 -46.35 27.47 31.30
C HIS A 20 -46.01 26.59 30.09
N MET A 21 -44.87 25.91 30.18
CA MET A 21 -44.31 25.12 29.08
C MET A 21 -45.17 23.90 28.76
N ALA A 22 -45.55 23.76 27.50
CA ALA A 22 -46.36 22.62 27.06
C ALA A 22 -45.51 21.53 26.40
N GLU A 23 -44.50 21.95 25.62
CA GLU A 23 -43.64 21.05 24.84
C GLU A 23 -44.40 20.44 23.67
N PRO A 40 -21.26 10.68 30.36
CA PRO A 40 -20.38 9.86 31.20
C PRO A 40 -20.30 10.40 32.63
N THR A 41 -19.81 11.63 32.77
CA THR A 41 -19.61 12.32 34.08
C THR A 41 -18.54 11.68 34.97
N ALA A 42 -18.78 10.44 35.40
CA ALA A 42 -17.85 9.70 36.27
C ALA A 42 -16.90 8.80 35.47
N PRO A 43 -15.66 8.60 35.97
CA PRO A 43 -14.74 7.69 35.29
C PRO A 43 -15.17 6.23 35.43
N PRO A 44 -14.74 5.36 34.51
CA PRO A 44 -15.05 3.95 34.62
C PRO A 44 -14.27 3.26 35.76
N ALA A 45 -14.73 2.08 36.16
CA ALA A 45 -14.08 1.31 37.22
C ALA A 45 -12.68 0.88 36.81
N PHE A 46 -11.70 1.14 37.69
CA PHE A 46 -10.29 0.80 37.48
C PHE A 46 -9.69 1.48 36.25
N ALA A 47 -9.81 2.80 36.22
CA ALA A 47 -9.40 3.62 35.06
C ALA A 47 -7.91 3.59 34.78
N SER A 48 -7.09 3.47 35.83
CA SER A 48 -5.63 3.43 35.69
C SER A 48 -5.16 2.30 34.78
N LEU A 49 -5.90 1.20 34.79
CA LEU A 49 -5.62 0.03 33.96
C LEU A 49 -5.70 0.31 32.46
N PHE A 50 -6.60 1.21 32.06
CA PHE A 50 -6.84 1.49 30.64
C PHE A 50 -5.74 2.33 30.01
N PRO A 51 -5.27 1.92 28.80
CA PRO A 51 -4.44 2.80 27.99
C PRO A 51 -5.25 4.01 27.53
N PRO A 52 -4.62 5.19 27.50
CA PRO A 52 -5.31 6.47 27.24
C PRO A 52 -6.10 6.52 25.93
N GLY A 53 -5.59 5.90 24.88
CA GLY A 53 -6.28 5.88 23.59
C GLY A 53 -7.57 5.10 23.62
N LEU A 54 -7.55 3.97 24.32
CA LEU A 54 -8.73 3.12 24.48
C LEU A 54 -9.77 3.81 25.36
N HIS A 55 -9.29 4.67 26.24
CA HIS A 55 -10.14 5.39 27.19
C HIS A 55 -11.14 6.31 26.48
N ALA A 56 -10.62 7.21 25.66
CA ALA A 56 -11.43 8.22 24.98
C ALA A 56 -12.53 7.63 24.09
N ILE A 57 -12.21 6.54 23.41
CA ILE A 57 -13.15 5.84 22.53
C ILE A 57 -14.28 5.22 23.36
N TYR A 58 -13.91 4.54 24.43
CA TYR A 58 -14.87 3.92 25.35
C TYR A 58 -15.74 4.98 26.03
N GLY A 59 -15.17 6.18 26.20
CA GLY A 59 -15.91 7.32 26.74
C GLY A 59 -17.08 7.73 25.87
N GLU A 60 -16.89 7.62 24.56
CA GLU A 60 -17.95 7.93 23.60
C GLU A 60 -18.96 6.80 23.52
N CYS A 61 -18.50 5.58 23.74
CA CYS A 61 -19.37 4.40 23.77
C CYS A 61 -20.34 4.49 24.93
N ARG A 62 -19.80 4.83 26.10
CA ARG A 62 -20.56 4.97 27.32
C ARG A 62 -21.59 6.09 27.23
N ARG A 63 -21.27 7.12 26.44
CA ARG A 63 -22.19 8.23 26.24
C ARG A 63 -23.46 7.73 25.56
N LEU A 64 -23.29 7.00 24.46
CA LEU A 64 -24.40 6.44 23.70
C LEU A 64 -25.11 5.30 24.42
N TYR A 65 -24.35 4.47 25.14
CA TYR A 65 -24.90 3.28 25.78
C TYR A 65 -24.57 3.18 27.27
N PRO A 66 -25.19 4.02 28.11
CA PRO A 66 -24.92 3.93 29.55
C PRO A 66 -25.54 2.67 30.16
N ASP A 67 -26.59 2.16 29.53
CA ASP A 67 -27.32 0.98 30.01
C ASP A 67 -26.60 -0.33 29.70
N GLN A 68 -25.61 -0.27 28.81
CA GLN A 68 -24.79 -1.44 28.47
C GLN A 68 -23.31 -1.16 28.79
N PRO A 69 -22.95 -1.29 30.08
CA PRO A 69 -21.59 -0.98 30.49
C PRO A 69 -20.62 -2.13 30.22
N ASN A 70 -21.16 -3.34 30.08
CA ASN A 70 -20.37 -4.51 29.72
C ASN A 70 -21.00 -5.27 28.56
N PRO A 71 -20.81 -4.76 27.32
CA PRO A 71 -21.34 -5.41 26.13
C PRO A 71 -20.51 -6.64 25.75
N LEU A 72 -21.01 -7.47 24.85
CA LEU A 72 -20.22 -8.58 24.33
C LEU A 72 -19.08 -8.04 23.48
N GLN A 73 -17.93 -8.67 23.60
CA GLN A 73 -16.74 -8.24 22.87
C GLN A 73 -16.02 -9.40 22.19
N VAL A 74 -15.48 -9.11 21.01
CA VAL A 74 -14.49 -9.98 20.38
C VAL A 74 -13.13 -9.38 20.68
N THR A 75 -12.24 -10.18 21.26
CA THR A 75 -10.92 -9.69 21.63
C THR A 75 -9.80 -10.55 21.05
N ALA A 76 -8.76 -9.89 20.54
CA ALA A 76 -7.58 -10.56 20.01
C ALA A 76 -6.73 -11.05 21.18
N ILE A 77 -6.66 -12.37 21.36
CA ILE A 77 -5.85 -12.95 22.43
C ILE A 77 -4.38 -12.97 22.03
N VAL A 78 -4.10 -13.40 20.80
CA VAL A 78 -2.78 -13.23 20.22
C VAL A 78 -2.74 -11.88 19.53
N LYS A 79 -1.90 -10.98 20.05
CA LYS A 79 -1.82 -9.60 19.56
C LYS A 79 -1.11 -9.44 18.23
N TYR A 80 -1.50 -8.41 17.49
CA TYR A 80 -0.95 -8.09 16.17
C TYR A 80 0.54 -7.77 16.20
N TRP A 81 0.96 -7.02 17.22
CA TRP A 81 2.36 -6.64 17.35
C TRP A 81 3.23 -7.79 17.85
N LEU A 82 2.63 -8.96 18.00
CA LEU A 82 3.36 -10.15 18.44
C LEU A 82 3.24 -11.32 17.47
N GLY A 83 2.61 -11.09 16.31
CA GLY A 83 2.46 -12.13 15.30
C GLY A 83 1.03 -12.42 14.89
N GLY A 84 0.09 -11.93 15.70
CA GLY A 84 -1.34 -12.18 15.48
C GLY A 84 -1.85 -11.70 14.13
N PRO A 85 -2.83 -12.43 13.56
CA PRO A 85 -3.44 -12.08 12.28
C PRO A 85 -4.45 -10.94 12.41
N ASP A 86 -4.86 -10.62 13.63
CA ASP A 86 -5.93 -9.68 13.88
C ASP A 86 -5.41 -8.33 14.36
N PRO A 87 -5.55 -7.28 13.52
CA PRO A 87 -5.08 -5.93 13.82
C PRO A 87 -5.89 -5.24 14.91
N LEU A 88 -7.17 -5.59 15.01
CA LEU A 88 -8.05 -4.98 16.00
C LEU A 88 -7.94 -5.74 17.32
N ASP A 89 -7.63 -5.03 18.40
CA ASP A 89 -7.46 -5.65 19.71
C ASP A 89 -8.80 -6.01 20.34
N TYR A 90 -9.80 -5.17 20.09
CA TYR A 90 -11.14 -5.36 20.64
C TYR A 90 -12.18 -4.90 19.64
N VAL A 91 -13.36 -5.52 19.72
CA VAL A 91 -14.54 -5.07 18.99
C VAL A 91 -15.72 -5.12 19.94
N SER A 92 -16.23 -3.95 20.32
CA SER A 92 -17.42 -3.85 21.17
C SER A 92 -18.66 -3.99 20.32
N MET A 93 -19.67 -4.69 20.87
CA MET A 93 -20.94 -4.92 20.17
C MET A 93 -22.13 -4.53 21.04
N TYR A 94 -22.70 -3.36 20.77
CA TYR A 94 -23.83 -2.85 21.56
C TYR A 94 -25.19 -3.16 20.92
N ARG A 95 -26.26 -2.81 21.62
CA ARG A 95 -27.62 -2.93 21.08
C ARG A 95 -28.32 -1.58 21.03
N ASN A 96 -28.57 -1.09 19.82
CA ASN A 96 -29.26 0.18 19.62
C ASN A 96 -30.72 -0.04 19.27
N VAL A 97 -31.61 0.44 20.13
CA VAL A 97 -33.05 0.30 19.91
C VAL A 97 -33.53 1.09 18.69
N GLY A 98 -32.73 2.08 18.28
CA GLY A 98 -33.03 2.92 17.12
C GLY A 98 -34.23 3.81 17.37
N SER A 99 -34.98 4.09 16.32
CA SER A 99 -36.22 4.86 16.41
C SER A 99 -37.14 4.54 15.22
N PRO A 100 -37.90 3.43 15.31
CA PRO A 100 -38.91 3.13 14.28
C PRO A 100 -39.99 4.21 14.26
N SER A 101 -40.15 4.87 15.42
CA SER A 101 -40.90 6.11 15.57
C SER A 101 -40.65 7.07 14.41
N ALA A 102 -39.37 7.26 14.07
CA ALA A 102 -38.97 8.07 12.93
C ALA A 102 -38.09 7.27 11.95
N ASN A 103 -38.54 6.05 11.65
CA ASN A 103 -37.96 5.21 10.59
C ASN A 103 -36.48 4.81 10.77
N ILE A 104 -36.10 4.45 11.99
CA ILE A 104 -34.78 3.88 12.28
C ILE A 104 -34.94 2.52 12.99
N PRO A 105 -34.64 1.42 12.28
CA PRO A 105 -34.86 0.08 12.83
C PRO A 105 -33.96 -0.24 14.03
N GLU A 106 -34.26 -1.36 14.68
CA GLU A 106 -33.43 -1.86 15.76
C GLU A 106 -32.23 -2.57 15.13
N HIS A 107 -31.06 -2.36 15.69
CA HIS A 107 -29.83 -2.89 15.10
C HIS A 107 -28.71 -3.16 16.12
N TRP A 108 -27.75 -3.98 15.69
CA TRP A 108 -26.52 -4.21 16.43
C TRP A 108 -25.46 -3.23 15.96
N HIS A 109 -24.77 -2.60 16.90
CA HIS A 109 -23.74 -1.60 16.59
C HIS A 109 -22.35 -2.10 16.97
N TYR A 110 -21.42 -2.03 16.03
CA TYR A 110 -20.07 -2.58 16.22
C TYR A 110 -19.02 -1.48 16.20
N ILE A 111 -18.09 -1.54 17.15
CA ILE A 111 -17.06 -0.50 17.32
C ILE A 111 -15.68 -1.12 17.54
N SER A 112 -14.75 -0.79 16.65
CA SER A 112 -13.41 -1.36 16.67
C SER A 112 -12.45 -0.61 17.60
N PHE A 113 -11.42 -1.32 18.03
CA PHE A 113 -10.33 -0.77 18.83
C PHE A 113 -9.04 -1.33 18.28
N GLY A 114 -8.19 -0.44 17.75
CA GLY A 114 -6.90 -0.88 17.25
C GLY A 114 -6.36 -0.07 16.09
N LEU A 115 -7.27 0.45 15.26
CA LEU A 115 -6.86 1.25 14.10
C LEU A 115 -6.23 2.57 14.50
N SER A 116 -6.65 3.11 15.65
CA SER A 116 -6.05 4.31 16.20
C SER A 116 -5.03 3.92 17.26
N ASP A 117 -4.15 4.87 17.59
CA ASP A 117 -3.12 4.66 18.62
C ASP A 117 -3.77 4.53 20.00
N LEU A 118 -3.80 3.31 20.51
CA LEU A 118 -4.42 3.04 21.82
C LEU A 118 -3.45 3.20 22.97
N TYR A 119 -2.26 2.62 22.82
CA TYR A 119 -1.29 2.53 23.91
C TYR A 119 -0.26 3.65 23.87
N GLY A 120 -0.15 4.32 22.73
CA GLY A 120 0.79 5.43 22.57
C GLY A 120 2.18 5.16 23.08
N ASP A 121 2.72 3.98 22.75
CA ASP A 121 4.03 3.54 23.20
C ASP A 121 4.85 2.89 22.08
N ASN A 122 4.48 3.19 20.84
CA ASN A 122 5.23 2.76 19.63
C ASN A 122 5.28 1.26 19.34
N ARG A 123 4.37 0.49 19.93
CA ARG A 123 4.30 -0.95 19.65
C ARG A 123 3.67 -1.25 18.29
N VAL A 124 2.68 -0.45 17.88
CA VAL A 124 1.97 -0.68 16.63
C VAL A 124 2.02 0.56 15.73
N HIS A 125 1.62 1.70 16.29
CA HIS A 125 1.56 2.95 15.55
C HIS A 125 2.68 3.85 16.05
N GLU A 126 3.15 4.74 15.20
CA GLU A 126 4.10 5.74 15.67
C GLU A 126 3.35 6.83 16.43
N PHE A 127 3.83 7.08 17.65
CA PHE A 127 3.35 8.17 18.49
C PHE A 127 3.63 9.51 17.80
N THR A 128 2.58 10.19 17.37
CA THR A 128 2.71 11.45 16.64
C THR A 128 2.40 12.67 17.51
N GLY A 129 2.06 12.43 18.78
CA GLY A 129 1.63 13.48 19.68
C GLY A 129 0.16 13.83 19.51
N THR A 130 -0.31 14.82 20.27
CA THR A 130 -1.73 15.21 20.27
C THR A 130 -2.23 15.82 18.97
N ASP A 131 -1.35 16.54 18.27
CA ASP A 131 -1.70 17.13 16.97
C ASP A 131 -1.85 16.07 15.89
N GLY A 132 -2.85 16.24 15.04
CA GLY A 132 -3.08 15.33 13.93
C GLY A 132 -3.74 14.03 14.33
N PRO A 133 -3.68 13.02 13.45
CA PRO A 133 -4.43 11.78 13.63
C PRO A 133 -3.75 10.77 14.56
N SER A 134 -4.54 10.21 15.47
CA SER A 134 -4.12 9.11 16.33
C SER A 134 -4.18 7.82 15.55
N GLY A 135 -3.03 7.18 15.35
CA GLY A 135 -2.93 5.96 14.55
C GLY A 135 -3.26 6.26 13.10
N PHE A 136 -4.22 5.54 12.54
CA PHE A 136 -4.70 5.83 11.19
C PHE A 136 -5.70 6.98 11.16
N GLY A 137 -6.05 7.50 12.33
CA GLY A 137 -6.96 8.65 12.44
C GLY A 137 -8.43 8.28 12.51
N PHE A 138 -8.71 6.98 12.64
CA PHE A 138 -10.09 6.50 12.76
C PHE A 138 -10.20 5.11 13.37
N GLU A 139 -11.44 4.76 13.73
CA GLU A 139 -11.80 3.38 14.05
C GLU A 139 -13.06 3.09 13.23
N LEU A 140 -13.32 1.81 12.96
CA LEU A 140 -14.49 1.43 12.17
C LEU A 140 -15.72 1.24 13.06
N THR A 141 -16.89 1.46 12.48
CA THR A 141 -18.15 1.10 13.10
C THR A 141 -19.04 0.40 12.07
N PHE A 142 -20.08 -0.29 12.54
CA PHE A 142 -21.00 -1.01 11.65
C PHE A 142 -22.36 -1.17 12.31
N ARG A 143 -23.43 -0.99 11.54
CA ARG A 143 -24.79 -1.10 12.05
C ARG A 143 -25.58 -2.14 11.28
N LEU A 144 -25.85 -3.26 11.93
CA LEU A 144 -26.55 -4.38 11.30
C LEU A 144 -27.96 -4.50 11.83
N LYS A 145 -28.93 -4.48 10.91
CA LYS A 145 -30.35 -4.60 11.26
C LYS A 145 -30.61 -5.87 12.07
N ARG A 146 -31.32 -5.72 13.19
CA ARG A 146 -31.61 -6.86 14.06
C ARG A 146 -32.73 -7.71 13.50
N GLU A 147 -32.47 -9.00 13.37
CA GLU A 147 -33.47 -9.96 12.95
C GLU A 147 -34.28 -10.38 14.17
N THR A 148 -35.26 -11.27 13.97
CA THR A 148 -35.95 -11.88 15.08
C THR A 148 -35.19 -13.16 15.46
N GLY A 149 -35.23 -13.50 16.75
CA GLY A 149 -34.53 -14.67 17.25
C GLY A 149 -33.14 -14.35 17.76
N GLU A 150 -32.57 -13.25 17.26
CA GLU A 150 -31.26 -12.78 17.68
C GLU A 150 -31.36 -12.07 19.02
N SER A 151 -31.00 -12.79 20.07
CA SER A 151 -30.99 -12.24 21.43
C SER A 151 -29.58 -11.85 21.84
N ALA A 152 -28.68 -11.89 20.86
CA ALA A 152 -27.27 -11.52 21.03
C ALA A 152 -26.72 -11.07 19.67
N PRO A 153 -25.76 -10.12 19.67
CA PRO A 153 -25.18 -9.66 18.41
C PRO A 153 -24.35 -10.74 17.72
N PRO A 154 -24.58 -10.97 16.42
CA PRO A 154 -23.78 -11.93 15.66
C PRO A 154 -22.33 -11.51 15.63
N THR A 155 -21.42 -12.49 15.60
CA THR A 155 -19.99 -12.20 15.71
C THR A 155 -19.30 -12.04 14.36
N TRP A 156 -19.99 -12.38 13.28
CA TRP A 156 -19.38 -12.30 11.94
C TRP A 156 -18.83 -10.92 11.52
N PRO A 157 -19.52 -9.82 11.90
CA PRO A 157 -19.03 -8.49 11.48
C PRO A 157 -17.69 -8.13 12.11
N ALA A 158 -17.40 -8.73 13.27
CA ALA A 158 -16.11 -8.56 13.92
C ALA A 158 -14.99 -9.04 13.00
N GLU A 159 -15.16 -10.25 12.45
CA GLU A 159 -14.21 -10.80 11.49
C GLU A 159 -14.12 -9.98 10.22
N LEU A 160 -15.25 -9.39 9.81
CA LEU A 160 -15.27 -8.49 8.67
C LEU A 160 -14.43 -7.26 8.96
N MET A 161 -14.53 -6.74 10.19
CA MET A 161 -13.77 -5.57 10.60
C MET A 161 -12.29 -5.89 10.72
N GLN A 162 -11.98 -7.11 11.15
CA GLN A 162 -10.60 -7.58 11.17
C GLN A 162 -10.04 -7.62 9.75
N GLY A 163 -10.86 -8.12 8.81
CA GLY A 163 -10.47 -8.25 7.41
C GLY A 163 -10.16 -6.94 6.75
N LEU A 164 -11.01 -5.94 7.00
CA LEU A 164 -10.83 -4.61 6.45
C LEU A 164 -9.60 -3.94 7.05
N ALA A 165 -9.36 -4.20 8.33
CA ALA A 165 -8.21 -3.65 9.04
C ALA A 165 -6.88 -4.14 8.46
N ARG A 166 -6.85 -5.41 8.04
CA ARG A 166 -5.67 -5.97 7.39
C ARG A 166 -5.30 -5.20 6.11
N TYR A 167 -6.33 -4.86 5.33
CA TYR A 167 -6.18 -4.03 4.12
C TYR A 167 -5.47 -2.72 4.47
N VAL A 168 -5.90 -2.10 5.56
CA VAL A 168 -5.40 -0.80 5.98
C VAL A 168 -3.98 -0.88 6.54
N PHE A 169 -3.65 -2.01 7.16
CA PHE A 169 -2.33 -2.17 7.77
C PHE A 169 -1.23 -2.58 6.79
N GLN A 170 -1.60 -3.38 5.78
CA GLN A 170 -0.66 -3.87 4.75
C GLN A 170 -0.21 -2.74 3.82
N SER A 171 -1.18 -1.99 3.33
CA SER A 171 -0.91 -0.76 2.60
C SER A 171 -1.39 0.33 3.53
N GLU A 172 -0.50 1.25 3.88
CA GLU A 172 -0.88 2.34 4.77
C GLU A 172 -1.72 3.37 4.01
N ASN A 173 -2.85 2.89 3.51
CA ASN A 173 -3.86 3.69 2.84
C ASN A 173 -4.96 4.02 3.82
N THR A 174 -5.19 5.31 4.03
CA THR A 174 -6.21 5.74 4.98
C THR A 174 -7.52 6.04 4.26
N PHE A 175 -8.61 5.52 4.84
CA PHE A 175 -9.93 5.68 4.25
C PHE A 175 -10.62 6.95 4.70
N CYS A 176 -11.47 7.47 3.82
CA CYS A 176 -12.23 8.67 4.10
C CYS A 176 -13.72 8.39 4.05
N SER A 177 -14.50 9.34 4.56
CA SER A 177 -15.94 9.30 4.41
C SER A 177 -16.31 9.54 2.96
N GLY A 178 -16.71 8.47 2.27
CA GLY A 178 -17.08 8.54 0.86
C GLY A 178 -16.37 7.49 0.03
N ASP A 179 -15.38 6.83 0.61
CA ASP A 179 -14.60 5.81 -0.09
C ASP A 179 -15.42 4.54 -0.29
N HIS A 180 -14.99 3.72 -1.24
CA HIS A 180 -15.64 2.44 -1.50
C HIS A 180 -14.65 1.31 -1.32
N VAL A 181 -15.17 0.13 -0.95
CA VAL A 181 -14.34 -1.06 -0.86
C VAL A 181 -14.91 -2.20 -1.72
N SER A 182 -14.14 -2.60 -2.72
CA SER A 182 -14.51 -3.70 -3.61
C SER A 182 -14.22 -5.02 -2.92
N TRP A 183 -15.24 -5.60 -2.31
CA TRP A 183 -15.09 -6.83 -1.53
C TRP A 183 -15.40 -8.08 -2.35
N HIS A 184 -16.27 -7.94 -3.34
CA HIS A 184 -16.68 -9.02 -4.25
C HIS A 184 -17.02 -10.33 -3.54
N SER A 185 -17.78 -10.22 -2.46
CA SER A 185 -18.16 -11.36 -1.64
C SER A 185 -19.29 -10.94 -0.72
N PRO A 186 -20.27 -11.84 -0.49
CA PRO A 186 -21.33 -11.55 0.46
C PRO A 186 -20.74 -11.40 1.87
N LEU A 187 -20.97 -10.24 2.48
CA LEU A 187 -20.28 -9.82 3.71
C LEU A 187 -20.36 -10.83 4.85
N ASP A 188 -21.55 -11.40 5.07
CA ASP A 188 -21.73 -12.41 6.13
C ASP A 188 -21.56 -13.84 5.62
N ASN A 189 -20.77 -13.99 4.56
CA ASN A 189 -20.57 -15.29 3.88
C ASN A 189 -21.85 -15.93 3.35
N SER A 190 -22.94 -15.16 3.41
CA SER A 190 -24.22 -15.59 2.84
C SER A 190 -24.12 -15.59 1.33
N GLU A 191 -25.22 -15.93 0.66
CA GLU A 191 -25.30 -15.76 -0.79
C GLU A 191 -25.94 -14.40 -1.06
N SER A 192 -26.13 -13.66 0.03
CA SER A 192 -26.71 -12.32 0.03
C SER A 192 -26.10 -11.39 -1.01
N ARG A 193 -26.95 -10.55 -1.58
CA ARG A 193 -26.58 -9.67 -2.69
C ARG A 193 -25.72 -8.49 -2.24
N ILE A 194 -25.63 -8.30 -0.91
CA ILE A 194 -24.78 -7.28 -0.33
C ILE A 194 -23.33 -7.77 -0.32
N GLN A 195 -22.54 -7.28 -1.27
CA GLN A 195 -21.21 -7.82 -1.51
C GLN A 195 -20.10 -6.79 -1.36
N HIS A 196 -20.48 -5.54 -1.12
CA HIS A 196 -19.52 -4.44 -1.09
C HIS A 196 -19.77 -3.46 0.04
N MET A 197 -18.90 -2.46 0.15
CA MET A 197 -18.96 -1.49 1.24
C MET A 197 -18.68 -0.06 0.80
N LEU A 198 -19.44 0.87 1.37
CA LEU A 198 -19.13 2.30 1.32
C LEU A 198 -18.82 2.76 2.74
N LEU A 199 -18.18 3.92 2.86
CA LEU A 199 -17.78 4.45 4.16
C LEU A 199 -18.27 5.87 4.38
N THR A 200 -18.82 6.11 5.57
CA THR A 200 -19.41 7.39 5.93
C THR A 200 -19.04 7.73 7.37
N GLU A 201 -19.31 8.96 7.79
CA GLU A 201 -19.18 9.30 9.22
C GLU A 201 -20.32 8.63 9.97
N ASP A 202 -20.03 8.16 11.18
CA ASP A 202 -21.04 7.59 12.06
C ASP A 202 -21.99 8.71 12.51
N PRO A 203 -23.32 8.47 12.40
CA PRO A 203 -24.33 9.46 12.74
C PRO A 203 -24.39 9.84 14.22
N GLN A 204 -23.89 8.96 15.09
CA GLN A 204 -23.95 9.15 16.53
C GLN A 204 -22.61 9.48 17.16
N MET A 205 -21.58 8.76 16.75
CA MET A 205 -20.24 8.86 17.34
C MET A 205 -19.56 10.16 16.95
N GLN A 206 -19.26 11.00 17.94
CA GLN A 206 -18.55 12.24 17.69
C GLN A 206 -17.05 11.99 17.81
N PRO A 207 -16.25 12.62 16.95
CA PRO A 207 -14.78 12.54 17.01
C PRO A 207 -14.24 12.88 18.40
N VAL A 208 -13.22 12.15 18.84
CA VAL A 208 -12.64 12.33 20.17
C VAL A 208 -11.16 12.70 20.12
N GLN A 209 -10.71 13.45 21.12
CA GLN A 209 -9.32 13.84 21.25
C GLN A 209 -8.61 12.98 22.30
N THR A 210 -7.62 12.20 21.85
CA THR A 210 -6.82 11.38 22.74
C THR A 210 -5.44 12.03 22.91
N PRO A 211 -4.69 11.64 23.96
CA PRO A 211 -3.34 12.18 24.14
C PRO A 211 -2.39 11.78 23.02
N PHE A 212 -2.86 10.90 22.12
CA PHE A 212 -2.03 10.43 21.03
C PHE A 212 -2.55 10.90 19.67
N GLY A 213 -3.55 11.78 19.69
CA GLY A 213 -4.08 12.34 18.45
C GLY A 213 -5.60 12.39 18.40
N VAL A 214 -6.13 12.52 17.19
CA VAL A 214 -7.58 12.65 16.98
C VAL A 214 -8.16 11.41 16.33
N VAL A 215 -9.33 10.98 16.79
CA VAL A 215 -10.00 9.77 16.28
C VAL A 215 -11.41 10.04 15.76
N THR A 216 -11.60 9.78 14.46
CA THR A 216 -12.92 9.89 13.82
C THR A 216 -13.51 8.49 13.68
N PHE A 217 -14.81 8.40 13.42
CA PHE A 217 -15.46 7.09 13.35
C PHE A 217 -16.13 6.85 11.99
N LEU A 218 -15.54 5.95 11.21
CA LEU A 218 -16.03 5.63 9.87
C LEU A 218 -16.95 4.43 9.89
N GLN A 219 -18.17 4.61 9.40
CA GLN A 219 -19.16 3.54 9.42
C GLN A 219 -19.19 2.77 8.11
N ILE A 220 -18.97 1.47 8.21
CA ILE A 220 -19.12 0.55 7.10
C ILE A 220 -20.59 0.46 6.72
N VAL A 221 -20.87 0.61 5.42
CA VAL A 221 -22.22 0.48 4.91
C VAL A 221 -22.21 -0.53 3.76
N GLY A 222 -23.01 -1.59 3.91
CA GLY A 222 -23.07 -2.66 2.93
C GLY A 222 -23.89 -2.34 1.70
N VAL A 223 -23.33 -2.63 0.53
CA VAL A 223 -23.99 -2.31 -0.76
C VAL A 223 -23.86 -3.43 -1.80
N CYS A 224 -24.60 -3.27 -2.90
CA CYS A 224 -24.57 -4.20 -4.03
C CYS A 224 -23.56 -3.74 -5.07
N THR A 225 -23.13 -4.67 -5.94
CA THR A 225 -22.24 -4.35 -7.05
C THR A 225 -22.81 -3.19 -7.88
N GLU A 226 -24.13 -3.19 -8.06
CA GLU A 226 -24.84 -2.12 -8.76
C GLU A 226 -24.59 -0.78 -8.09
N GLU A 227 -24.64 -0.78 -6.76
CA GLU A 227 -24.51 0.44 -5.97
C GLU A 227 -23.07 0.92 -5.87
N LEU A 228 -22.14 -0.04 -5.76
CA LEU A 228 -20.70 0.23 -5.79
C LEU A 228 -20.32 0.89 -7.11
N HIS A 229 -20.83 0.33 -8.20
CA HIS A 229 -20.59 0.85 -9.55
C HIS A 229 -21.05 2.29 -9.71
N SER A 230 -22.22 2.60 -9.17
CA SER A 230 -22.79 3.95 -9.25
C SER A 230 -21.92 4.97 -8.51
N ALA A 231 -21.35 4.57 -7.38
CA ALA A 231 -20.52 5.44 -6.56
C ALA A 231 -19.18 5.73 -7.23
N GLN A 232 -18.69 4.75 -7.99
CA GLN A 232 -17.48 4.92 -8.77
C GLN A 232 -17.74 5.88 -9.93
N GLN A 233 -18.93 5.77 -10.52
CA GLN A 233 -19.33 6.60 -11.66
C GLN A 233 -19.71 8.03 -11.25
N TRP A 234 -20.16 8.19 -10.02
CA TRP A 234 -20.48 9.51 -9.50
C TRP A 234 -19.51 9.81 -8.35
N ASN A 235 -20.02 9.80 -7.13
CA ASN A 235 -19.18 9.82 -5.94
C ASN A 235 -19.83 9.05 -4.80
N GLY A 236 -19.03 8.68 -3.81
CA GLY A 236 -19.52 7.95 -2.65
C GLY A 236 -20.55 8.75 -1.89
N GLN A 237 -20.22 10.01 -1.62
CA GLN A 237 -21.07 10.88 -0.82
C GLN A 237 -22.48 11.02 -1.40
N GLY A 238 -22.58 11.01 -2.72
CA GLY A 238 -23.86 11.10 -3.44
C GLY A 238 -24.73 9.87 -3.26
N ILE A 239 -24.14 8.70 -3.52
CA ILE A 239 -24.85 7.42 -3.35
C ILE A 239 -25.19 7.18 -1.89
N LEU A 240 -24.29 7.61 -0.98
CA LEU A 240 -24.58 7.57 0.45
C LEU A 240 -25.86 8.34 0.76
N GLU A 241 -25.87 9.62 0.38
CA GLU A 241 -27.04 10.47 0.64
C GLU A 241 -28.32 9.93 0.00
N LEU A 242 -28.16 9.21 -1.11
CA LEU A 242 -29.29 8.52 -1.75
C LEU A 242 -29.84 7.36 -0.91
N LEU A 243 -28.94 6.64 -0.22
CA LEU A 243 -29.33 5.50 0.61
C LEU A 243 -30.14 5.93 1.84
N ARG A 244 -29.89 7.15 2.31
CA ARG A 244 -30.59 7.71 3.47
C ARG A 244 -32.08 7.93 3.21
N THR A 245 -32.45 8.04 1.94
CA THR A 245 -33.84 8.27 1.55
C THR A 245 -34.60 6.96 1.34
N VAL A 246 -33.87 5.86 1.25
CA VAL A 246 -34.46 4.52 1.12
C VAL A 246 -34.24 3.73 2.42
N PRO A 247 -35.30 3.59 3.24
CA PRO A 247 -35.21 3.02 4.58
C PRO A 247 -34.66 1.60 4.62
N ILE A 248 -35.03 0.77 3.63
CA ILE A 248 -34.63 -0.64 3.62
C ILE A 248 -33.17 -0.87 3.19
N ALA A 249 -32.50 0.17 2.70
CA ALA A 249 -31.16 0.02 2.15
C ALA A 249 -29.99 -0.04 3.17
N GLY A 250 -29.80 1.00 4.00
CA GLY A 250 -30.57 2.25 3.97
C GLY A 250 -30.94 2.84 5.31
N GLY A 251 -31.78 3.88 5.25
CA GLY A 251 -32.17 4.64 6.43
C GLY A 251 -31.25 5.84 6.63
N PRO A 252 -31.70 6.84 7.40
CA PRO A 252 -30.88 8.02 7.72
C PRO A 252 -29.59 7.68 8.46
N TRP A 253 -29.55 6.52 9.11
CA TRP A 253 -28.38 6.09 9.89
C TRP A 253 -27.57 5.01 9.17
N LEU A 254 -27.97 4.71 7.93
CA LEU A 254 -27.27 3.76 7.06
C LEU A 254 -27.05 2.39 7.73
N ILE A 255 -28.16 1.73 8.04
CA ILE A 255 -28.15 0.43 8.69
C ILE A 255 -28.18 -0.66 7.64
N THR A 256 -27.20 -1.55 7.68
CA THR A 256 -27.10 -2.65 6.74
C THR A 256 -28.08 -3.77 7.08
N ASP A 257 -29.01 -4.00 6.16
CA ASP A 257 -29.87 -5.18 6.18
C ASP A 257 -29.28 -6.16 5.20
N MET A 258 -28.75 -7.28 5.70
CA MET A 258 -28.16 -8.31 4.85
C MET A 258 -29.21 -9.07 4.06
N ARG A 259 -30.46 -9.04 4.52
CA ARG A 259 -31.55 -9.78 3.88
C ARG A 259 -32.19 -9.02 2.71
N ARG A 260 -31.70 -7.80 2.46
CA ARG A 260 -32.18 -6.97 1.35
C ARG A 260 -31.87 -7.62 0.00
N GLY A 261 -32.88 -7.62 -0.88
CA GLY A 261 -32.78 -8.27 -2.18
C GLY A 261 -32.72 -7.33 -3.37
N GLU A 262 -33.55 -6.29 -3.35
CA GLU A 262 -33.61 -5.33 -4.45
C GLU A 262 -32.71 -4.13 -4.22
N THR A 263 -32.03 -3.67 -5.29
CA THR A 263 -31.17 -2.49 -5.22
C THR A 263 -32.03 -1.22 -5.09
N ILE A 264 -31.41 -0.14 -4.67
CA ILE A 264 -32.09 1.16 -4.53
C ILE A 264 -32.72 1.65 -5.83
N PHE A 265 -32.19 1.20 -6.96
CA PHE A 265 -32.69 1.57 -8.28
C PHE A 265 -33.88 0.72 -8.70
N GLU A 266 -34.00 -0.46 -8.08
CA GLU A 266 -35.13 -1.35 -8.29
C GLU A 266 -36.31 -0.98 -7.38
N ILE A 267 -36.01 -0.46 -6.20
CA ILE A 267 -37.02 0.05 -5.28
C ILE A 267 -37.55 1.39 -5.79
N ASP A 268 -36.66 2.17 -6.39
CA ASP A 268 -37.01 3.49 -6.93
C ASP A 268 -36.26 3.73 -8.25
N PRO A 269 -36.99 3.68 -9.39
CA PRO A 269 -36.40 3.88 -10.71
C PRO A 269 -35.95 5.32 -10.94
N HIS A 270 -36.65 6.27 -10.31
CA HIS A 270 -36.36 7.71 -10.44
C HIS A 270 -34.96 8.08 -9.95
N LEU A 271 -34.41 7.25 -9.06
CA LEU A 271 -33.08 7.48 -8.48
C LEU A 271 -31.95 7.40 -9.49
N GLN A 272 -32.13 6.60 -10.53
CA GLN A 272 -31.17 6.53 -11.64
C GLN A 272 -31.08 7.89 -12.34
N GLU A 273 -32.18 8.64 -12.32
CA GLU A 273 -32.20 9.99 -12.88
C GLU A 273 -31.50 11.00 -11.97
N ARG A 274 -31.40 10.65 -10.69
CA ARG A 274 -30.81 11.54 -9.69
C ARG A 274 -29.29 11.45 -9.69
N VAL A 275 -28.77 10.29 -10.11
CA VAL A 275 -27.32 10.06 -10.11
C VAL A 275 -26.59 10.88 -11.18
N ASP A 276 -27.04 10.75 -12.43
CA ASP A 276 -26.41 11.41 -13.56
C ASP A 276 -26.61 12.92 -13.55
N LYS A 277 -27.71 13.36 -12.93
CA LYS A 277 -27.94 14.78 -12.66
C LYS A 277 -26.76 15.29 -11.85
N GLY A 278 -26.32 14.48 -10.89
CA GLY A 278 -25.14 14.77 -10.08
C GLY A 278 -23.84 14.60 -10.86
N ILE A 279 -23.77 13.56 -11.68
CA ILE A 279 -22.60 13.32 -12.54
C ILE A 279 -22.37 14.54 -13.43
N GLU A 280 -23.47 15.16 -13.85
CA GLU A 280 -23.42 16.37 -14.63
C GLU A 280 -22.93 17.55 -13.80
N THR A 281 -23.46 17.68 -12.58
CA THR A 281 -23.16 18.84 -11.74
C THR A 281 -21.79 18.71 -11.06
N ASP A 282 -21.54 17.56 -10.43
CA ASP A 282 -20.29 17.32 -9.69
C ASP A 282 -19.16 16.79 -10.58
N GLY A 283 -19.48 15.89 -11.48
CA GLY A 283 -18.49 15.23 -12.33
C GLY A 283 -18.48 13.74 -12.09
N SER A 284 -17.41 13.06 -12.50
CA SER A 284 -17.30 11.63 -12.29
C SER A 284 -15.94 11.21 -11.75
N ASN A 285 -15.95 10.27 -10.82
CA ASN A 285 -14.72 9.70 -10.26
C ASN A 285 -14.18 8.55 -11.12
N LEU A 286 -14.84 8.29 -12.23
CA LEU A 286 -14.43 7.23 -13.13
C LEU A 286 -13.49 7.81 -14.18
N SER A 287 -12.26 7.32 -14.20
CA SER A 287 -11.24 7.85 -15.10
C SER A 287 -11.02 6.97 -16.33
N GLY A 288 -11.48 5.73 -16.25
CA GLY A 288 -11.28 4.75 -17.30
C GLY A 288 -12.00 3.45 -17.04
N VAL A 289 -12.00 2.57 -18.05
CA VAL A 289 -12.73 1.30 -17.97
C VAL A 289 -12.18 0.32 -19.01
N SER A 290 -12.09 -0.95 -18.63
CA SER A 290 -11.78 -2.00 -19.59
C SER A 290 -13.07 -2.48 -20.25
N ALA A 291 -13.12 -2.39 -21.57
CA ALA A 291 -14.33 -2.66 -22.33
C ALA A 291 -14.02 -3.05 -23.77
N LYS A 292 -15.05 -3.49 -24.49
CA LYS A 292 -14.90 -3.82 -25.90
C LYS A 292 -14.91 -2.52 -26.69
N CYS A 293 -13.79 -2.20 -27.31
CA CYS A 293 -13.61 -0.95 -28.04
C CYS A 293 -12.48 -1.01 -29.04
N ALA A 294 -12.59 -0.26 -30.14
CA ALA A 294 -11.54 -0.21 -31.15
C ALA A 294 -11.58 1.10 -31.94
N TRP A 295 -10.45 1.43 -32.58
CA TRP A 295 -10.39 2.63 -33.43
C TRP A 295 -9.65 2.35 -34.74
N ASP A 296 -10.02 3.10 -35.79
CA ASP A 296 -9.38 3.00 -37.11
C ASP A 296 -9.08 4.37 -37.70
N ASP A 297 -8.02 4.46 -38.48
CA ASP A 297 -7.68 5.67 -39.23
C ASP A 297 -8.32 5.60 -40.61
N LEU A 298 -8.90 6.72 -41.03
CA LEU A 298 -9.51 6.79 -42.36
C LEU A 298 -8.63 7.59 -43.33
N SER A 299 -7.65 6.90 -43.91
CA SER A 299 -6.67 7.49 -44.82
C SER A 299 -5.45 6.57 -44.97
N ARG A 362 7.39 9.52 -33.76
CA ARG A 362 6.93 8.87 -32.52
C ARG A 362 5.40 8.71 -32.47
N THR A 363 4.67 9.81 -32.66
CA THR A 363 3.22 9.74 -32.69
C THR A 363 2.72 10.21 -34.05
N ARG A 364 1.99 9.33 -34.73
CA ARG A 364 1.33 9.69 -35.97
C ARG A 364 0.03 10.40 -35.69
N GLN A 365 -0.16 11.54 -36.36
CA GLN A 365 -1.39 12.32 -36.25
C GLN A 365 -2.34 11.89 -37.35
N LEU A 366 -3.61 11.75 -37.00
CA LEU A 366 -4.62 11.24 -37.92
C LEU A 366 -5.62 12.32 -38.29
N GLU A 367 -5.94 12.42 -39.59
CA GLU A 367 -6.85 13.44 -40.08
C GLU A 367 -8.30 13.02 -39.90
N SER A 368 -8.53 11.72 -39.95
CA SER A 368 -9.86 11.16 -39.75
C SER A 368 -9.77 9.99 -38.79
N VAL A 369 -10.87 9.68 -38.12
CA VAL A 369 -10.88 8.60 -37.13
C VAL A 369 -12.26 7.97 -36.96
N HIS A 370 -12.28 6.65 -36.74
CA HIS A 370 -13.50 5.88 -36.56
C HIS A 370 -13.44 5.14 -35.22
N LEU A 371 -14.28 5.55 -34.27
CA LEU A 371 -14.29 4.92 -32.95
C LEU A 371 -15.44 3.92 -32.82
N LYS A 372 -15.12 2.77 -32.24
CA LYS A 372 -16.06 1.65 -32.18
C LYS A 372 -16.26 1.15 -30.75
N PHE A 373 -17.53 1.00 -30.35
CA PHE A 373 -17.89 0.54 -29.01
C PHE A 373 -19.03 -0.47 -29.07
N ASN A 374 -19.12 -1.34 -28.05
CA ASN A 374 -20.27 -2.22 -27.89
C ASN A 374 -21.38 -1.49 -27.14
N GLN A 375 -22.53 -2.15 -26.92
CA GLN A 375 -23.65 -1.48 -26.27
C GLN A 375 -23.31 -1.04 -24.84
N GLU A 376 -22.52 -1.86 -24.16
CA GLU A 376 -22.17 -1.62 -22.76
C GLU A 376 -21.23 -0.43 -22.59
N SER A 377 -20.14 -0.42 -23.35
CA SER A 377 -19.15 0.66 -23.28
C SER A 377 -19.71 1.94 -23.90
N GLY A 378 -20.46 1.79 -24.98
CA GLY A 378 -21.14 2.92 -25.62
C GLY A 378 -22.12 3.61 -24.69
N ALA A 379 -22.68 2.85 -23.74
CA ALA A 379 -23.58 3.40 -22.73
C ALA A 379 -22.90 4.40 -21.81
N LEU A 380 -21.58 4.24 -21.64
CA LEU A 380 -20.78 5.12 -20.78
C LEU A 380 -20.42 6.45 -21.43
N ILE A 381 -20.53 6.52 -22.75
CA ILE A 381 -20.18 7.73 -23.51
C ILE A 381 -20.76 9.03 -22.92
N PRO A 382 -22.08 9.08 -22.63
CA PRO A 382 -22.59 10.30 -22.00
C PRO A 382 -21.82 10.68 -20.75
N LEU A 383 -21.59 9.72 -19.85
CA LEU A 383 -20.74 9.95 -18.67
C LEU A 383 -19.36 10.46 -19.07
N CYS A 384 -18.73 9.78 -20.03
CA CYS A 384 -17.42 10.16 -20.53
C CYS A 384 -17.37 11.63 -20.97
N LEU A 385 -18.38 12.06 -21.72
CA LEU A 385 -18.43 13.45 -22.19
C LEU A 385 -18.92 14.39 -21.09
N ARG A 386 -20.13 14.14 -20.59
CA ARG A 386 -20.84 15.04 -19.68
C ARG A 386 -20.14 15.19 -18.33
N GLY A 387 -19.61 14.09 -17.80
CA GLY A 387 -19.06 14.07 -16.45
C GLY A 387 -17.55 13.98 -16.35
N ARG A 388 -16.86 14.07 -17.48
CA ARG A 388 -15.40 14.11 -17.49
C ARG A 388 -14.87 15.25 -18.36
N LEU A 389 -15.18 15.19 -19.66
CA LEU A 389 -14.68 16.16 -20.63
C LEU A 389 -15.25 17.55 -20.40
N LEU A 390 -16.54 17.63 -20.09
CA LEU A 390 -17.17 18.90 -19.76
C LEU A 390 -16.72 19.44 -18.41
N HIS A 391 -15.87 18.67 -17.72
CA HIS A 391 -15.31 19.07 -16.44
C HIS A 391 -13.78 19.22 -16.45
N GLY A 392 -13.21 19.40 -17.64
CA GLY A 392 -11.76 19.54 -17.80
C GLY A 392 -10.94 18.31 -17.49
N ARG A 393 -11.60 17.15 -17.40
CA ARG A 393 -10.93 15.89 -17.06
C ARG A 393 -11.00 14.90 -18.23
N HIS A 394 -10.19 13.85 -18.17
CA HIS A 394 -10.07 12.90 -19.27
C HIS A 394 -10.84 11.60 -19.01
N PHE A 395 -10.86 10.71 -20.00
CA PHE A 395 -11.44 9.37 -19.82
C PHE A 395 -10.83 8.36 -20.79
N THR A 396 -10.51 7.17 -20.29
CA THR A 396 -9.83 6.15 -21.09
C THR A 396 -10.65 4.88 -21.26
N TYR A 397 -10.78 4.45 -22.51
CA TYR A 397 -11.30 3.12 -22.83
C TYR A 397 -10.11 2.22 -23.17
N LYS A 398 -10.03 1.06 -22.53
CA LYS A 398 -9.04 0.05 -22.90
C LYS A 398 -9.76 -1.20 -23.40
N SER A 399 -9.13 -1.89 -24.36
CA SER A 399 -9.65 -3.16 -24.85
C SER A 399 -9.40 -4.26 -23.85
N ILE A 400 -10.41 -5.08 -23.58
CA ILE A 400 -10.24 -6.26 -22.74
C ILE A 400 -9.31 -7.25 -23.46
N THR A 401 -9.36 -7.22 -24.79
CA THR A 401 -8.47 -8.03 -25.62
C THR A 401 -7.49 -7.16 -26.40
N GLY A 402 -6.21 -7.27 -26.06
CA GLY A 402 -5.15 -6.65 -26.85
C GLY A 402 -4.65 -5.30 -26.37
N ASP A 403 -3.92 -4.62 -27.27
CA ASP A 403 -3.18 -3.42 -26.93
C ASP A 403 -3.98 -2.12 -27.10
N MET A 404 -5.04 -2.19 -27.92
CA MET A 404 -5.80 -1.00 -28.34
C MET A 404 -6.45 -0.23 -27.18
N ALA A 405 -6.38 1.11 -27.26
CA ALA A 405 -6.96 1.99 -26.24
C ALA A 405 -7.39 3.35 -26.82
N ILE A 406 -8.42 3.94 -26.21
CA ILE A 406 -8.90 5.28 -26.57
C ILE A 406 -9.01 6.18 -25.34
N THR A 407 -8.22 7.25 -25.29
CA THR A 407 -8.35 8.27 -24.25
C THR A 407 -8.97 9.55 -24.80
N PHE A 408 -10.14 9.89 -24.28
CA PHE A 408 -10.79 11.17 -24.55
C PHE A 408 -10.17 12.24 -23.67
N VAL A 409 -9.79 13.35 -24.28
CA VAL A 409 -9.24 14.49 -23.54
C VAL A 409 -9.98 15.80 -23.86
N SER A 410 -9.94 16.74 -22.92
CA SER A 410 -10.53 18.05 -23.10
C SER A 410 -9.41 19.10 -23.23
N THR A 411 -9.80 20.36 -23.39
CA THR A 411 -8.83 21.44 -23.65
C THR A 411 -7.94 21.76 -22.46
N GLY A 412 -8.38 21.39 -21.25
CA GLY A 412 -7.66 21.72 -20.04
C GLY A 412 -6.92 20.55 -19.40
N VAL A 413 -6.12 19.85 -20.21
CA VAL A 413 -5.25 18.77 -19.72
C VAL A 413 -3.81 18.95 -20.21
N GLU A 414 -2.86 18.63 -19.33
CA GLU A 414 -1.45 18.69 -19.65
C GLU A 414 -0.93 17.29 -20.00
N GLY A 415 0.14 17.24 -20.80
CA GLY A 415 0.77 15.98 -21.15
C GLY A 415 0.14 15.25 -22.32
N ALA A 416 -0.98 15.78 -22.81
CA ALA A 416 -1.64 15.20 -23.97
C ALA A 416 -0.77 15.43 -25.20
N PHE A 417 -0.91 14.58 -26.20
CA PHE A 417 -0.25 14.82 -27.49
C PHE A 417 -1.26 15.10 -28.60
N ALA A 418 -2.54 15.12 -28.23
CA ALA A 418 -3.59 15.55 -29.14
C ALA A 418 -3.97 16.98 -28.79
N THR A 419 -3.75 17.89 -29.73
CA THR A 419 -4.13 19.30 -29.54
C THR A 419 -5.39 19.58 -30.35
N GLU A 420 -5.86 20.82 -30.30
CA GLU A 420 -7.00 21.25 -31.13
C GLU A 420 -6.64 21.21 -32.61
N GLU A 421 -5.40 21.58 -32.92
CA GLU A 421 -4.93 21.73 -34.31
C GLU A 421 -4.75 20.38 -34.99
N HIS A 422 -4.52 19.36 -34.18
CA HIS A 422 -4.48 17.98 -34.65
C HIS A 422 -5.12 17.10 -33.58
N PRO A 423 -6.47 17.06 -33.55
CA PRO A 423 -7.26 16.50 -32.46
C PRO A 423 -7.23 14.98 -32.35
N TYR A 424 -6.74 14.31 -33.38
CA TYR A 424 -6.62 12.85 -33.36
C TYR A 424 -5.17 12.46 -33.54
N ALA A 425 -4.59 11.89 -32.49
CA ALA A 425 -3.21 11.45 -32.51
C ALA A 425 -3.06 10.14 -31.75
N ALA A 426 -2.15 9.30 -32.22
CA ALA A 426 -1.96 7.98 -31.61
C ALA A 426 -0.50 7.60 -31.42
N HIS A 427 -0.20 7.07 -30.24
CA HIS A 427 1.11 6.49 -29.95
C HIS A 427 0.95 4.98 -29.99
N GLY A 428 1.25 4.39 -31.15
CA GLY A 428 0.99 2.97 -31.38
C GLY A 428 -0.50 2.69 -31.38
N PRO A 429 -0.94 1.71 -30.57
CA PRO A 429 -2.36 1.36 -30.49
C PRO A 429 -3.17 2.24 -29.54
N TRP A 430 -2.53 3.25 -28.94
CA TRP A 430 -3.20 4.13 -27.97
C TRP A 430 -3.62 5.43 -28.62
N LEU A 431 -4.93 5.63 -28.75
CA LEU A 431 -5.48 6.79 -29.45
C LEU A 431 -5.93 7.86 -28.47
N GLN A 432 -5.53 9.11 -28.77
CA GLN A 432 -5.96 10.26 -28.01
C GLN A 432 -6.81 11.19 -28.85
N ILE A 433 -8.05 11.39 -28.42
CA ILE A 433 -8.96 12.32 -29.09
C ILE A 433 -9.15 13.54 -28.24
N LEU A 434 -8.87 14.71 -28.80
CA LEU A 434 -9.14 15.97 -28.14
C LEU A 434 -10.47 16.52 -28.62
N LEU A 435 -11.37 16.84 -27.70
CA LEU A 435 -12.66 17.44 -28.05
C LEU A 435 -12.91 18.71 -27.25
N THR A 436 -13.45 19.73 -27.92
CA THR A 436 -13.70 21.03 -27.30
C THR A 436 -15.06 21.09 -26.61
N GLU A 437 -15.21 21.99 -25.65
CA GLU A 437 -16.45 22.18 -24.91
C GLU A 437 -17.62 22.36 -25.88
N GLU A 438 -17.45 23.27 -26.84
CA GLU A 438 -18.49 23.56 -27.83
C GLU A 438 -18.92 22.32 -28.60
N PHE A 439 -17.96 21.47 -28.94
CA PHE A 439 -18.22 20.31 -29.81
C PHE A 439 -18.91 19.14 -29.10
N VAL A 440 -18.57 18.92 -27.84
CA VAL A 440 -19.18 17.82 -27.09
C VAL A 440 -20.65 18.10 -26.77
N GLU A 441 -20.99 19.38 -26.61
CA GLU A 441 -22.38 19.81 -26.42
C GLU A 441 -23.19 19.42 -27.66
N LYS A 442 -22.58 19.62 -28.83
CA LYS A 442 -23.20 19.29 -30.12
C LYS A 442 -23.34 17.79 -30.29
N MET A 443 -22.34 17.04 -29.82
CA MET A 443 -22.38 15.58 -29.84
C MET A 443 -23.51 15.06 -28.97
N LEU A 444 -23.59 15.58 -27.74
CA LEU A 444 -24.60 15.16 -26.78
C LEU A 444 -26.02 15.38 -27.30
N GLU A 445 -26.20 16.40 -28.14
CA GLU A 445 -27.48 16.64 -28.80
C GLU A 445 -27.81 15.53 -29.81
N ASP A 446 -26.78 14.97 -30.43
CA ASP A 446 -26.93 13.90 -31.41
C ASP A 446 -27.14 12.53 -30.77
N LEU A 447 -26.45 12.26 -29.65
CA LEU A 447 -26.54 10.95 -28.99
C LEU A 447 -27.57 10.92 -27.86
N GLU A 448 -28.57 10.03 -28.00
CA GLU A 448 -29.56 9.83 -26.94
C GLU A 448 -29.15 8.72 -25.97
N ASP A 449 -29.80 7.56 -26.07
CA ASP A 449 -29.52 6.43 -25.18
C ASP A 449 -29.15 5.19 -26.03
N LEU A 450 -27.94 4.64 -25.86
CA LEU A 450 -26.82 5.23 -25.09
C LEU A 450 -27.13 5.68 -23.65
N GLU A 455 -32.43 1.09 -27.45
CA GLU A 455 -33.01 -0.23 -27.62
C GLU A 455 -34.22 -0.19 -28.57
N PHE A 456 -34.11 -0.83 -29.74
CA PHE A 456 -32.90 -1.52 -30.19
C PHE A 456 -32.67 -1.28 -31.68
N LYS A 457 -31.46 -0.83 -32.04
CA LYS A 457 -31.15 -0.48 -33.44
C LYS A 457 -29.68 -0.61 -33.84
N LEU A 458 -28.99 -1.62 -33.30
CA LEU A 458 -27.59 -1.87 -33.63
C LEU A 458 -27.46 -2.50 -35.02
N PRO A 459 -26.49 -2.04 -35.83
CA PRO A 459 -25.45 -1.05 -35.51
C PRO A 459 -25.90 0.41 -35.64
N LYS A 460 -25.87 1.14 -34.52
CA LYS A 460 -26.16 2.56 -34.51
C LYS A 460 -24.89 3.35 -34.82
N GLU A 461 -24.98 4.26 -35.79
CA GLU A 461 -23.82 5.03 -36.24
C GLU A 461 -24.03 6.54 -36.16
N TYR A 462 -22.94 7.24 -35.87
CA TYR A 462 -22.94 8.70 -35.78
C TYR A 462 -21.76 9.27 -36.55
N SER A 463 -21.97 10.39 -37.23
CA SER A 463 -20.94 10.95 -38.11
C SER A 463 -20.91 12.48 -38.12
N TRP A 464 -19.72 13.04 -37.94
CA TRP A 464 -19.51 14.49 -38.05
C TRP A 464 -18.39 14.73 -39.06
N PRO A 465 -18.78 14.96 -40.34
CA PRO A 465 -17.84 15.12 -41.45
C PRO A 465 -16.94 16.34 -41.32
N GLU A 466 -17.46 17.44 -40.79
CA GLU A 466 -16.67 18.66 -40.59
C GLU A 466 -15.58 18.50 -39.54
N LYS A 467 -15.63 17.37 -38.82
CA LYS A 467 -14.61 17.01 -37.84
C LYS A 467 -13.92 15.71 -38.23
N LYS A 468 -14.46 15.04 -39.26
CA LYS A 468 -13.93 13.78 -39.77
C LYS A 468 -13.93 12.67 -38.71
N LEU A 469 -15.06 12.54 -38.03
CA LEU A 469 -15.20 11.65 -36.89
C LEU A 469 -16.42 10.75 -37.07
N LYS A 470 -16.19 9.44 -36.97
CA LYS A 470 -17.27 8.46 -36.95
C LYS A 470 -17.27 7.67 -35.65
N VAL A 471 -18.43 7.63 -34.98
CA VAL A 471 -18.62 6.81 -33.80
C VAL A 471 -19.74 5.82 -34.05
N SER A 472 -19.42 4.53 -33.92
CA SER A 472 -20.40 3.49 -34.16
C SER A 472 -20.51 2.54 -32.96
N ILE A 473 -21.76 2.24 -32.60
CA ILE A 473 -22.07 1.30 -31.54
C ILE A 473 -22.47 -0.04 -32.16
N LEU A 474 -21.64 -1.06 -31.95
CA LEU A 474 -21.75 -2.32 -32.66
C LEU A 474 -22.13 -3.50 -31.76
N PRO A 475 -22.60 -4.62 -32.36
CA PRO A 475 -22.82 -5.84 -31.60
C PRO A 475 -21.51 -6.41 -31.03
N ASP A 476 -21.61 -7.08 -29.89
CA ASP A 476 -20.43 -7.58 -29.17
C ASP A 476 -19.57 -8.57 -29.95
N VAL A 477 -20.13 -9.09 -31.05
CA VAL A 477 -19.46 -10.08 -31.89
C VAL A 477 -18.27 -9.49 -32.65
N VAL A 478 -18.36 -8.20 -32.98
CA VAL A 478 -17.32 -7.50 -33.74
C VAL A 478 -15.96 -7.54 -33.03
N PHE A 479 -15.97 -7.25 -31.73
CA PHE A 479 -14.75 -7.11 -30.95
C PHE A 479 -14.18 -8.46 -30.52
N ASP A 480 -15.04 -9.47 -30.42
CA ASP A 480 -14.65 -10.84 -30.12
C ASP A 480 -13.78 -11.46 -31.22
N SER A 481 -13.66 -10.76 -32.34
CA SER A 481 -12.85 -11.19 -33.49
C SER A 481 -12.71 -10.05 -34.50
N LEU B 14 65.53 36.69 8.05
CA LEU B 14 65.21 36.46 6.62
C LEU B 14 63.73 36.72 6.33
N VAL B 15 63.47 37.55 5.32
CA VAL B 15 62.12 37.87 4.89
C VAL B 15 61.49 36.66 4.19
N PRO B 16 60.30 36.21 4.68
CA PRO B 16 59.62 35.02 4.18
C PRO B 16 59.72 34.82 2.67
N ARG B 17 60.19 33.64 2.27
CA ARG B 17 60.37 33.28 0.86
C ARG B 17 59.05 32.86 0.22
N GLY B 18 58.04 32.59 1.05
CA GLY B 18 56.72 32.20 0.58
C GLY B 18 56.54 30.69 0.54
N SER B 19 55.28 30.26 0.44
CA SER B 19 54.95 28.85 0.34
C SER B 19 55.12 28.37 -1.10
N HIS B 20 55.63 27.14 -1.26
CA HIS B 20 55.69 26.48 -2.55
C HIS B 20 54.93 25.16 -2.49
N MET B 21 53.71 25.17 -3.00
CA MET B 21 52.81 24.02 -2.92
C MET B 21 53.31 22.88 -3.82
N ALA B 22 53.84 21.85 -3.19
CA ALA B 22 54.47 20.73 -3.89
C ALA B 22 53.46 19.81 -4.57
N GLU B 23 52.21 19.84 -4.12
CA GLU B 23 51.16 18.98 -4.67
C GLU B 23 49.79 19.65 -4.70
N LEU B 24 49.27 19.84 -5.90
CA LEU B 24 47.88 20.27 -6.11
C LEU B 24 47.11 19.20 -6.87
N ARG B 25 45.87 18.95 -6.45
CA ARG B 25 45.01 17.91 -7.04
C ARG B 25 44.78 18.09 -8.54
N PRO B 40 26.78 24.19 -12.20
CA PRO B 40 25.64 24.86 -12.81
C PRO B 40 25.94 26.33 -13.09
N THR B 41 25.42 27.22 -12.24
CA THR B 41 25.59 28.69 -12.33
C THR B 41 25.04 29.37 -13.60
N ALA B 42 24.73 28.59 -14.63
CA ALA B 42 24.16 29.12 -15.87
C ALA B 42 22.96 28.29 -16.29
N PRO B 43 21.76 28.90 -16.32
CA PRO B 43 20.51 28.16 -16.54
C PRO B 43 20.53 27.36 -17.85
N PRO B 44 19.76 26.26 -17.92
CA PRO B 44 19.64 25.48 -19.15
C PRO B 44 18.90 26.23 -20.26
N ALA B 45 19.07 25.76 -21.49
CA ALA B 45 18.41 26.34 -22.65
C ALA B 45 16.89 26.25 -22.54
N PHE B 46 16.22 27.41 -22.63
CA PHE B 46 14.76 27.53 -22.56
C PHE B 46 14.20 27.07 -21.21
N ALA B 47 14.48 27.86 -20.17
CA ALA B 47 14.11 27.50 -18.80
C ALA B 47 12.61 27.57 -18.53
N SER B 48 11.95 28.65 -18.99
CA SER B 48 10.51 28.84 -18.80
C SER B 48 9.70 27.57 -19.06
N LEU B 49 10.17 26.79 -20.02
CA LEU B 49 9.52 25.55 -20.45
C LEU B 49 9.46 24.48 -19.36
N PHE B 50 10.48 24.44 -18.51
CA PHE B 50 10.63 23.35 -17.53
C PHE B 50 9.74 23.53 -16.31
N PRO B 51 9.04 22.46 -15.89
CA PRO B 51 8.41 22.43 -14.57
C PRO B 51 9.47 22.56 -13.48
N PRO B 52 9.18 23.37 -12.44
CA PRO B 52 10.16 23.73 -11.41
C PRO B 52 10.76 22.54 -10.65
N GLY B 53 9.99 21.47 -10.49
CA GLY B 53 10.48 20.27 -9.79
C GLY B 53 11.46 19.48 -10.64
N LEU B 54 11.18 19.40 -11.94
CA LEU B 54 12.06 18.76 -12.91
C LEU B 54 13.33 19.58 -13.09
N HIS B 55 13.19 20.89 -12.91
CA HIS B 55 14.28 21.83 -13.11
C HIS B 55 15.40 21.66 -12.07
N ALA B 56 15.02 21.32 -10.84
CA ALA B 56 15.98 21.17 -9.74
C ALA B 56 16.77 19.86 -9.83
N ILE B 57 16.09 18.77 -10.14
CA ILE B 57 16.72 17.46 -10.30
C ILE B 57 17.75 17.50 -11.43
N TYR B 58 17.35 18.09 -12.55
CA TYR B 58 18.21 18.25 -13.71
C TYR B 58 19.45 19.06 -13.35
N GLY B 59 19.28 20.00 -12.43
CA GLY B 59 20.38 20.82 -11.92
C GLY B 59 21.51 20.03 -11.30
N GLU B 60 21.16 19.00 -10.54
CA GLU B 60 22.15 18.12 -9.91
C GLU B 60 22.82 17.22 -10.95
N CYS B 61 22.04 16.79 -11.94
CA CYS B 61 22.52 15.92 -13.01
C CYS B 61 23.57 16.64 -13.85
N ARG B 62 23.32 17.91 -14.10
CA ARG B 62 24.26 18.76 -14.83
C ARG B 62 25.51 18.97 -13.99
N ARG B 63 25.33 19.18 -12.69
CA ARG B 63 26.46 19.34 -11.78
C ARG B 63 27.42 18.17 -11.92
N LEU B 64 26.88 16.96 -11.92
CA LEU B 64 27.68 15.74 -12.04
C LEU B 64 28.22 15.50 -13.45
N TYR B 65 27.39 15.77 -14.46
CA TYR B 65 27.76 15.47 -15.85
C TYR B 65 27.63 16.68 -16.77
N PRO B 66 28.58 17.62 -16.68
CA PRO B 66 28.50 18.80 -17.56
C PRO B 66 28.82 18.46 -19.01
N ASP B 67 29.52 17.35 -19.23
CA ASP B 67 29.93 16.92 -20.58
C ASP B 67 28.84 16.18 -21.34
N GLN B 68 27.77 15.80 -20.65
CA GLN B 68 26.63 15.13 -21.29
C GLN B 68 25.35 15.92 -21.04
N PRO B 69 25.14 16.99 -21.83
CA PRO B 69 24.05 17.91 -21.60
C PRO B 69 22.74 17.41 -22.20
N ASN B 70 22.84 16.49 -23.16
CA ASN B 70 21.68 15.84 -23.74
C ASN B 70 21.86 14.32 -23.77
N PRO B 71 21.71 13.68 -22.59
CA PRO B 71 21.90 12.24 -22.45
C PRO B 71 20.73 11.47 -23.04
N LEU B 72 20.94 10.19 -23.34
CA LEU B 72 19.86 9.33 -23.79
C LEU B 72 18.79 9.25 -22.71
N GLN B 73 17.54 9.32 -23.13
CA GLN B 73 16.42 9.28 -22.21
C GLN B 73 15.36 8.29 -22.68
N VAL B 74 14.82 7.53 -21.73
CA VAL B 74 13.57 6.82 -21.93
C VAL B 74 12.48 7.74 -21.42
N THR B 75 11.41 7.88 -22.20
CA THR B 75 10.36 8.84 -21.88
C THR B 75 8.96 8.29 -22.14
N ALA B 76 8.04 8.59 -21.22
CA ALA B 76 6.66 8.15 -21.31
C ALA B 76 5.85 9.08 -22.19
N ILE B 77 5.43 8.58 -23.35
CA ILE B 77 4.59 9.36 -24.27
C ILE B 77 3.15 9.39 -23.79
N VAL B 78 2.65 8.24 -23.35
CA VAL B 78 1.35 8.20 -22.68
C VAL B 78 1.56 8.45 -21.18
N LYS B 79 1.05 9.58 -20.72
CA LYS B 79 1.22 10.03 -19.33
C LYS B 79 0.41 9.24 -18.32
N TYR B 80 1.01 9.04 -17.15
CA TYR B 80 0.43 8.27 -16.05
C TYR B 80 -0.89 8.86 -15.56
N TRP B 81 -0.97 10.19 -15.50
CA TRP B 81 -2.19 10.87 -15.08
C TRP B 81 -3.26 10.88 -16.16
N LEU B 82 -2.95 10.31 -17.32
CA LEU B 82 -3.89 10.21 -18.41
C LEU B 82 -4.18 8.75 -18.81
N GLY B 83 -3.79 7.82 -17.96
CA GLY B 83 -4.07 6.40 -18.19
C GLY B 83 -2.83 5.53 -18.35
N GLY B 84 -1.68 6.18 -18.55
CA GLY B 84 -0.41 5.48 -18.78
C GLY B 84 -0.03 4.49 -17.71
N PRO B 85 0.67 3.40 -18.11
CA PRO B 85 1.17 2.39 -17.17
C PRO B 85 2.45 2.84 -16.46
N ASP B 86 3.14 3.82 -17.03
CA ASP B 86 4.45 4.26 -16.56
C ASP B 86 4.36 5.54 -15.74
N PRO B 87 4.62 5.45 -14.43
CA PRO B 87 4.56 6.60 -13.51
C PRO B 87 5.73 7.56 -13.71
N LEU B 88 6.88 7.04 -14.14
CA LEU B 88 8.05 7.86 -14.37
C LEU B 88 7.95 8.50 -15.76
N ASP B 89 8.08 9.82 -15.80
CA ASP B 89 7.93 10.57 -17.04
C ASP B 89 9.20 10.54 -17.87
N TYR B 90 10.34 10.49 -17.18
CA TYR B 90 11.65 10.46 -17.83
C TYR B 90 12.62 9.59 -17.06
N VAL B 91 13.55 9.00 -17.79
CA VAL B 91 14.69 8.30 -17.20
C VAL B 91 15.96 8.71 -17.94
N SER B 92 16.71 9.65 -17.36
CA SER B 92 17.98 10.08 -17.94
C SER B 92 19.04 8.99 -17.76
N MET B 93 19.87 8.80 -18.77
CA MET B 93 20.90 7.75 -18.76
C MET B 93 22.29 8.28 -19.10
N TYR B 94 23.08 8.59 -18.08
CA TYR B 94 24.40 9.17 -18.27
C TYR B 94 25.50 8.10 -18.26
N ARG B 95 26.72 8.54 -18.55
CA ARG B 95 27.89 7.67 -18.50
C ARG B 95 28.90 8.18 -17.47
N ASN B 96 29.04 7.43 -16.38
CA ASN B 96 30.01 7.76 -15.35
C ASN B 96 31.28 6.95 -15.57
N VAL B 97 32.41 7.66 -15.71
CA VAL B 97 33.72 7.02 -15.93
C VAL B 97 34.21 6.29 -14.68
N GLY B 98 33.67 6.67 -13.53
CA GLY B 98 34.05 6.10 -12.23
C GLY B 98 35.46 6.48 -11.84
N SER B 99 36.11 5.60 -11.10
CA SER B 99 37.51 5.76 -10.74
C SER B 99 38.18 4.40 -10.57
N PRO B 100 38.57 3.76 -11.68
CA PRO B 100 39.39 2.55 -11.60
C PRO B 100 40.74 2.85 -10.94
N SER B 101 41.10 4.14 -10.94
CA SER B 101 42.23 4.68 -10.17
C SER B 101 42.07 4.37 -8.68
N ALA B 102 40.82 4.28 -8.22
CA ALA B 102 40.51 3.92 -6.85
C ALA B 102 39.38 2.88 -6.78
N ASN B 103 39.46 1.89 -7.67
CA ASN B 103 38.55 0.74 -7.70
C ASN B 103 37.04 1.07 -7.78
N ILE B 104 36.70 2.00 -8.67
CA ILE B 104 35.31 2.26 -9.04
C ILE B 104 35.14 2.11 -10.56
N PRO B 105 34.51 1.01 -10.99
CA PRO B 105 34.43 0.67 -12.41
C PRO B 105 33.60 1.66 -13.22
N GLU B 106 33.76 1.62 -14.53
CA GLU B 106 32.95 2.41 -15.44
C GLU B 106 31.55 1.82 -15.46
N HIS B 107 30.54 2.69 -15.37
CA HIS B 107 29.16 2.25 -15.27
C HIS B 107 28.18 3.24 -15.88
N TRP B 108 26.97 2.75 -16.17
CA TRP B 108 25.88 3.61 -16.62
C TRP B 108 25.09 4.08 -15.42
N HIS B 109 24.72 5.36 -15.41
CA HIS B 109 23.96 5.94 -14.31
C HIS B 109 22.56 6.33 -14.76
N TYR B 110 21.56 5.84 -14.02
CA TYR B 110 20.15 6.03 -14.36
C TYR B 110 19.45 6.87 -13.29
N ILE B 111 18.70 7.88 -13.74
CA ILE B 111 18.04 8.82 -12.83
C ILE B 111 16.58 9.02 -13.24
N SER B 112 15.66 8.76 -12.31
CA SER B 112 14.22 8.82 -12.60
C SER B 112 13.62 10.20 -12.40
N PHE B 113 12.55 10.47 -13.13
CA PHE B 113 11.75 11.68 -12.98
C PHE B 113 10.28 11.30 -12.96
N GLY B 114 9.62 11.53 -11.84
CA GLY B 114 8.20 11.19 -11.73
C GLY B 114 7.76 10.82 -10.32
N LEU B 115 8.66 10.24 -9.54
CA LEU B 115 8.35 9.89 -8.15
C LEU B 115 8.20 11.11 -7.24
N SER B 116 8.89 12.20 -7.59
CA SER B 116 8.75 13.46 -6.87
C SER B 116 7.77 14.36 -7.60
N ASP B 117 7.30 15.40 -6.92
CA ASP B 117 6.40 16.37 -7.52
C ASP B 117 7.16 17.27 -8.49
N LEU B 118 6.99 16.99 -9.78
CA LEU B 118 7.68 17.73 -10.83
C LEU B 118 6.95 19.02 -11.20
N TYR B 119 5.67 18.90 -11.49
CA TYR B 119 4.90 20.01 -12.06
C TYR B 119 4.30 20.89 -10.97
N GLY B 120 3.90 20.29 -9.86
CA GLY B 120 3.36 21.03 -8.72
C GLY B 120 1.99 21.64 -8.98
N ASP B 121 1.24 21.05 -9.90
CA ASP B 121 -0.11 21.51 -10.22
C ASP B 121 -1.19 20.46 -9.90
N ASN B 122 -0.90 19.61 -8.92
CA ASN B 122 -1.86 18.62 -8.41
C ASN B 122 -2.42 17.63 -9.44
N ARG B 123 -1.62 17.30 -10.45
CA ARG B 123 -2.03 16.33 -11.47
C ARG B 123 -1.71 14.88 -11.09
N VAL B 124 -0.65 14.68 -10.32
CA VAL B 124 -0.19 13.34 -9.92
C VAL B 124 0.07 13.29 -8.41
N HIS B 125 0.74 14.32 -7.90
CA HIS B 125 1.02 14.43 -6.48
C HIS B 125 0.24 15.59 -5.92
N GLU B 126 -0.14 15.48 -4.65
CA GLU B 126 -0.74 16.61 -3.95
C GLU B 126 0.34 17.64 -3.67
N PHE B 127 0.12 18.86 -4.13
CA PHE B 127 1.00 19.98 -3.83
C PHE B 127 1.06 20.20 -2.32
N THR B 128 2.25 20.13 -1.75
CA THR B 128 2.42 20.25 -0.30
C THR B 128 3.25 21.47 0.10
N GLY B 129 3.73 22.24 -0.89
CA GLY B 129 4.59 23.40 -0.64
C GLY B 129 6.03 23.01 -0.37
N THR B 130 6.85 24.01 -0.05
CA THR B 130 8.30 23.82 0.15
C THR B 130 8.67 22.94 1.35
N ASP B 131 7.88 23.01 2.42
CA ASP B 131 8.14 22.24 3.64
C ASP B 131 7.82 20.75 3.47
N GLY B 132 8.75 19.90 3.86
CA GLY B 132 8.56 18.45 3.79
C GLY B 132 8.92 17.85 2.45
N PRO B 133 8.39 16.65 2.15
CA PRO B 133 8.79 15.89 0.98
C PRO B 133 8.04 16.27 -0.31
N SER B 134 8.79 16.41 -1.40
CA SER B 134 8.22 16.66 -2.71
C SER B 134 7.69 15.35 -3.27
N GLY B 135 6.37 15.21 -3.31
CA GLY B 135 5.73 13.97 -3.75
C GLY B 135 6.00 12.87 -2.76
N PHE B 136 6.62 11.79 -3.23
CA PHE B 136 7.10 10.72 -2.34
C PHE B 136 8.42 11.08 -1.68
N GLY B 137 9.01 12.20 -2.10
CA GLY B 137 10.21 12.74 -1.46
C GLY B 137 11.52 12.13 -1.90
N PHE B 138 11.48 11.38 -3.01
CA PHE B 138 12.69 10.81 -3.59
C PHE B 138 12.52 10.50 -5.08
N GLU B 139 13.62 10.26 -5.75
CA GLU B 139 13.62 9.73 -7.11
C GLU B 139 14.64 8.61 -7.15
N LEU B 140 14.31 7.54 -7.88
CA LEU B 140 15.19 6.38 -7.95
C LEU B 140 16.42 6.67 -8.78
N THR B 141 17.54 6.05 -8.41
CA THR B 141 18.73 6.02 -9.26
C THR B 141 19.28 4.59 -9.29
N PHE B 142 20.08 4.27 -10.30
CA PHE B 142 20.65 2.93 -10.44
C PHE B 142 21.97 2.98 -11.21
N ARG B 143 22.96 2.22 -10.75
CA ARG B 143 24.29 2.22 -11.37
C ARG B 143 24.65 0.84 -11.88
N LEU B 144 24.52 0.65 -13.20
CA LEU B 144 24.82 -0.62 -13.84
C LEU B 144 26.22 -0.61 -14.40
N LYS B 145 27.01 -1.61 -14.03
CA LYS B 145 28.40 -1.75 -14.48
C LYS B 145 28.44 -1.95 -15.99
N ARG B 146 29.23 -1.12 -16.66
CA ARG B 146 29.34 -1.14 -18.12
C ARG B 146 30.17 -2.35 -18.60
N GLU B 147 29.59 -3.09 -19.53
CA GLU B 147 30.30 -4.19 -20.20
C GLU B 147 31.08 -3.62 -21.37
N THR B 148 31.85 -4.47 -22.03
CA THR B 148 32.54 -4.09 -23.27
C THR B 148 31.61 -4.29 -24.46
N GLY B 149 31.74 -3.42 -25.46
CA GLY B 149 30.85 -3.44 -26.61
C GLY B 149 29.62 -2.58 -26.41
N GLU B 150 29.24 -2.38 -25.14
CA GLU B 150 28.17 -1.45 -24.78
C GLU B 150 28.61 -0.03 -25.11
N SER B 151 28.05 0.51 -26.19
CA SER B 151 28.39 1.86 -26.64
C SER B 151 27.29 2.86 -26.30
N ALA B 152 26.30 2.38 -25.55
CA ALA B 152 25.19 3.18 -25.04
C ALA B 152 24.63 2.45 -23.80
N PRO B 153 23.93 3.18 -22.90
CA PRO B 153 23.35 2.51 -21.74
C PRO B 153 22.14 1.63 -22.12
N PRO B 154 22.11 0.37 -21.63
CA PRO B 154 20.97 -0.49 -21.88
C PRO B 154 19.68 0.10 -21.28
N THR B 155 18.55 -0.19 -21.91
CA THR B 155 17.29 0.45 -21.54
C THR B 155 16.40 -0.40 -20.61
N TRP B 156 16.87 -1.58 -20.23
CA TRP B 156 16.10 -2.43 -19.31
C TRP B 156 15.94 -1.86 -17.88
N PRO B 157 16.99 -1.20 -17.32
CA PRO B 157 16.82 -0.70 -15.96
C PRO B 157 15.78 0.41 -15.86
N ALA B 158 15.54 1.10 -16.98
CA ALA B 158 14.49 2.10 -17.05
C ALA B 158 13.14 1.43 -16.82
N GLU B 159 12.94 0.28 -17.44
CA GLU B 159 11.70 -0.48 -17.28
C GLU B 159 11.60 -1.08 -15.87
N LEU B 160 12.73 -1.41 -15.27
CA LEU B 160 12.78 -1.88 -13.89
C LEU B 160 12.31 -0.78 -12.96
N MET B 161 12.82 0.43 -13.17
CA MET B 161 12.45 1.60 -12.36
C MET B 161 10.97 1.89 -12.50
N GLN B 162 10.45 1.82 -13.72
CA GLN B 162 9.01 1.95 -13.97
C GLN B 162 8.25 0.95 -13.12
N GLY B 163 8.73 -0.29 -13.10
CA GLY B 163 8.11 -1.38 -12.35
C GLY B 163 8.10 -1.12 -10.86
N LEU B 164 9.23 -0.63 -10.35
CA LEU B 164 9.39 -0.32 -8.95
C LEU B 164 8.52 0.87 -8.56
N ALA B 165 8.36 1.80 -9.50
CA ALA B 165 7.52 2.98 -9.30
C ALA B 165 6.05 2.61 -9.19
N ARG B 166 5.66 1.54 -9.88
CA ARG B 166 4.30 1.03 -9.82
C ARG B 166 3.94 0.54 -8.41
N TYR B 167 4.88 -0.16 -7.77
CA TYR B 167 4.76 -0.63 -6.38
C TYR B 167 4.47 0.55 -5.45
N VAL B 168 5.25 1.61 -5.63
CA VAL B 168 5.18 2.80 -4.77
C VAL B 168 3.87 3.53 -4.96
N PHE B 169 3.43 3.67 -6.21
CA PHE B 169 2.23 4.43 -6.55
C PHE B 169 0.92 3.71 -6.18
N GLN B 170 0.89 2.39 -6.35
CA GLN B 170 -0.31 1.59 -6.06
C GLN B 170 -0.63 1.53 -4.56
N SER B 171 0.40 1.36 -3.75
CA SER B 171 0.29 1.61 -2.32
C SER B 171 0.75 3.06 -2.11
N GLU B 172 1.11 3.41 -0.88
CA GLU B 172 1.78 4.68 -0.64
C GLU B 172 2.99 4.48 0.26
N ASN B 173 3.62 3.31 0.12
CA ASN B 173 4.80 2.92 0.90
C ASN B 173 6.06 3.64 0.42
N THR B 174 6.36 4.78 1.05
CA THR B 174 7.60 5.49 0.77
C THR B 174 8.80 4.69 1.26
N PHE B 175 9.85 4.65 0.46
CA PHE B 175 11.03 3.86 0.79
C PHE B 175 12.15 4.68 1.40
N CYS B 176 12.92 4.04 2.28
CA CYS B 176 14.07 4.67 2.93
C CYS B 176 15.38 4.08 2.44
N SER B 177 16.47 4.74 2.81
CA SER B 177 17.80 4.19 2.68
C SER B 177 17.94 3.04 3.67
N GLY B 178 18.06 1.82 3.14
CA GLY B 178 18.18 0.62 3.96
C GLY B 178 17.11 -0.41 3.68
N ASP B 179 15.99 0.04 3.10
CA ASP B 179 14.88 -0.85 2.73
C ASP B 179 15.31 -1.92 1.74
N HIS B 180 14.58 -3.03 1.73
CA HIS B 180 14.82 -4.11 0.77
C HIS B 180 13.57 -4.31 -0.09
N VAL B 181 13.75 -4.80 -1.31
CA VAL B 181 12.63 -5.14 -2.17
C VAL B 181 12.76 -6.57 -2.71
N SER B 182 11.76 -7.40 -2.38
CA SER B 182 11.71 -8.79 -2.82
C SER B 182 11.17 -8.87 -4.24
N TRP B 183 12.07 -9.04 -5.20
CA TRP B 183 11.72 -9.05 -6.61
C TRP B 183 11.58 -10.47 -7.15
N HIS B 184 12.36 -11.40 -6.58
CA HIS B 184 12.33 -12.83 -6.91
C HIS B 184 12.35 -13.12 -8.41
N SER B 185 13.11 -12.30 -9.15
CA SER B 185 13.22 -12.43 -10.59
C SER B 185 14.46 -11.69 -11.07
N PRO B 186 15.22 -12.30 -12.00
CA PRO B 186 16.41 -11.65 -12.54
C PRO B 186 16.05 -10.27 -13.10
N LEU B 187 16.73 -9.24 -12.59
CA LEU B 187 16.33 -7.84 -12.84
C LEU B 187 16.22 -7.46 -14.32
N ASP B 188 17.09 -8.04 -15.15
CA ASP B 188 17.06 -7.82 -16.58
C ASP B 188 16.49 -9.02 -17.34
N ASN B 189 15.80 -9.90 -16.61
CA ASN B 189 15.28 -11.15 -17.15
C ASN B 189 16.37 -12.14 -17.53
N SER B 190 17.63 -11.75 -17.32
CA SER B 190 18.77 -12.61 -17.55
C SER B 190 18.73 -13.81 -16.62
N GLU B 191 19.66 -14.74 -16.81
CA GLU B 191 19.81 -15.84 -15.88
C GLU B 191 20.42 -15.35 -14.57
N SER B 192 21.10 -14.19 -14.66
CA SER B 192 21.77 -13.53 -13.55
C SER B 192 21.24 -13.85 -12.15
N ARG B 193 22.19 -14.17 -11.26
CA ARG B 193 21.92 -14.45 -9.86
C ARG B 193 21.11 -13.33 -9.21
N ILE B 194 21.50 -12.10 -9.53
CA ILE B 194 20.90 -10.88 -8.99
C ILE B 194 19.39 -10.80 -9.25
N GLN B 195 18.60 -11.12 -8.23
CA GLN B 195 17.14 -11.17 -8.37
C GLN B 195 16.43 -10.18 -7.44
N HIS B 196 17.19 -9.52 -6.58
CA HIS B 196 16.62 -8.62 -5.58
C HIS B 196 17.31 -7.26 -5.51
N MET B 197 16.74 -6.35 -4.72
CA MET B 197 17.21 -4.97 -4.65
C MET B 197 17.25 -4.44 -3.22
N LEU B 198 18.33 -3.74 -2.91
CA LEU B 198 18.42 -2.92 -1.70
C LEU B 198 18.41 -1.44 -2.09
N LEU B 199 18.08 -0.57 -1.12
CA LEU B 199 18.00 0.85 -1.38
C LEU B 199 18.90 1.67 -0.45
N THR B 200 19.63 2.61 -1.04
CA THR B 200 20.64 3.41 -0.33
C THR B 200 20.65 4.84 -0.83
N GLU B 201 21.37 5.72 -0.15
CA GLU B 201 21.61 7.08 -0.65
C GLU B 201 22.61 7.03 -1.80
N ASP B 202 22.27 7.70 -2.90
CA ASP B 202 23.17 7.83 -4.04
C ASP B 202 24.44 8.58 -3.60
N PRO B 203 25.62 7.99 -3.84
CA PRO B 203 26.91 8.51 -3.35
C PRO B 203 27.29 9.88 -3.93
N GLN B 204 26.72 10.23 -5.07
CA GLN B 204 27.04 11.47 -5.76
C GLN B 204 25.95 12.53 -5.62
N MET B 205 24.69 12.12 -5.82
CA MET B 205 23.55 13.04 -5.84
C MET B 205 23.30 13.65 -4.47
N GLN B 206 23.21 14.97 -4.45
CA GLN B 206 22.88 15.70 -3.22
C GLN B 206 21.39 16.01 -3.21
N PRO B 207 20.73 15.81 -2.06
CA PRO B 207 19.31 16.11 -1.92
C PRO B 207 19.03 17.56 -2.33
N VAL B 208 17.91 17.79 -3.03
CA VAL B 208 17.59 19.12 -3.53
C VAL B 208 16.28 19.68 -2.98
N GLN B 209 16.20 21.01 -2.93
CA GLN B 209 15.01 21.72 -2.48
C GLN B 209 14.30 22.37 -3.68
N THR B 210 13.15 21.83 -4.03
CA THR B 210 12.32 22.38 -5.11
C THR B 210 11.25 23.29 -4.50
N PRO B 211 10.52 24.06 -5.33
CA PRO B 211 9.42 24.84 -4.76
C PRO B 211 8.29 23.95 -4.27
N PHE B 212 8.34 22.67 -4.63
CA PHE B 212 7.26 21.74 -4.29
C PHE B 212 7.68 20.75 -3.20
N GLY B 213 8.83 20.99 -2.57
CA GLY B 213 9.30 20.14 -1.48
C GLY B 213 10.74 19.69 -1.64
N VAL B 214 11.10 18.65 -0.89
CA VAL B 214 12.48 18.15 -0.84
C VAL B 214 12.61 16.82 -1.56
N VAL B 215 13.66 16.67 -2.35
CA VAL B 215 13.92 15.43 -3.08
C VAL B 215 15.27 14.81 -2.72
N THR B 216 15.23 13.61 -2.17
CA THR B 216 16.44 12.83 -1.91
C THR B 216 16.62 11.84 -3.06
N PHE B 217 17.73 11.10 -3.06
CA PHE B 217 17.99 10.18 -4.16
C PHE B 217 18.32 8.77 -3.70
N LEU B 218 17.37 7.86 -3.89
CA LEU B 218 17.52 6.47 -3.49
C LEU B 218 18.12 5.65 -4.63
N GLN B 219 19.25 5.02 -4.34
CA GLN B 219 19.90 4.16 -5.32
C GLN B 219 19.53 2.70 -5.13
N ILE B 220 19.08 2.09 -6.23
CA ILE B 220 18.82 0.66 -6.29
C ILE B 220 20.14 -0.11 -6.38
N VAL B 221 20.30 -1.10 -5.51
CA VAL B 221 21.46 -1.98 -5.55
C VAL B 221 20.95 -3.41 -5.68
N GLY B 222 21.39 -4.08 -6.74
CA GLY B 222 20.99 -5.47 -6.99
C GLY B 222 21.70 -6.45 -6.09
N VAL B 223 20.95 -7.43 -5.56
CA VAL B 223 21.48 -8.44 -4.65
C VAL B 223 20.90 -9.84 -4.89
N CYS B 224 21.65 -10.86 -4.48
CA CYS B 224 21.22 -12.26 -4.57
C CYS B 224 20.29 -12.61 -3.42
N THR B 225 19.36 -13.53 -3.67
CA THR B 225 18.41 -14.03 -2.64
C THR B 225 19.06 -14.19 -1.27
N GLU B 226 20.26 -14.76 -1.25
CA GLU B 226 21.00 -14.98 -0.01
C GLU B 226 21.27 -13.66 0.72
N GLU B 227 21.71 -12.65 -0.03
CA GLU B 227 22.07 -11.35 0.54
C GLU B 227 20.85 -10.57 1.02
N LEU B 228 19.72 -10.77 0.33
CA LEU B 228 18.43 -10.21 0.73
C LEU B 228 18.06 -10.75 2.10
N HIS B 229 18.18 -12.08 2.26
CA HIS B 229 17.88 -12.74 3.53
C HIS B 229 18.74 -12.23 4.68
N SER B 230 19.98 -11.88 4.37
CA SER B 230 20.92 -11.37 5.38
C SER B 230 20.51 -9.99 5.89
N ALA B 231 19.95 -9.17 5.01
CA ALA B 231 19.51 -7.82 5.35
C ALA B 231 18.24 -7.86 6.18
N GLN B 232 17.38 -8.83 5.87
CA GLN B 232 16.15 -9.06 6.63
C GLN B 232 16.48 -9.57 8.04
N GLN B 233 17.46 -10.46 8.13
CA GLN B 233 17.90 -11.03 9.41
C GLN B 233 18.59 -9.99 10.28
N TRP B 234 19.53 -9.26 9.70
CA TRP B 234 20.22 -8.19 10.42
C TRP B 234 19.48 -6.88 10.15
N ASN B 235 20.15 -5.90 9.55
CA ASN B 235 19.51 -4.71 9.00
C ASN B 235 19.99 -4.44 7.58
N GLY B 236 19.28 -3.57 6.88
CA GLY B 236 19.64 -3.23 5.50
C GLY B 236 20.96 -2.48 5.41
N GLN B 237 21.12 -1.49 6.27
CA GLN B 237 22.27 -0.59 6.25
C GLN B 237 23.60 -1.33 6.45
N GLY B 238 23.55 -2.40 7.22
CA GLY B 238 24.73 -3.21 7.55
C GLY B 238 25.21 -4.06 6.40
N ILE B 239 24.26 -4.67 5.68
CA ILE B 239 24.59 -5.47 4.50
C ILE B 239 25.10 -4.56 3.37
N LEU B 240 24.54 -3.35 3.28
CA LEU B 240 25.02 -2.34 2.34
C LEU B 240 26.49 -2.01 2.60
N GLU B 241 26.81 -1.69 3.85
CA GLU B 241 28.18 -1.35 4.24
C GLU B 241 29.14 -2.49 3.91
N LEU B 242 28.67 -3.72 4.04
CA LEU B 242 29.45 -4.91 3.70
C LEU B 242 29.77 -5.00 2.21
N LEU B 243 28.84 -4.57 1.37
CA LEU B 243 29.02 -4.58 -0.09
C LEU B 243 30.07 -3.57 -0.55
N ARG B 244 30.24 -2.51 0.25
CA ARG B 244 31.17 -1.42 -0.06
C ARG B 244 32.64 -1.83 0.07
N THR B 245 32.87 -2.98 0.69
CA THR B 245 34.22 -3.50 0.87
C THR B 245 34.51 -4.66 -0.09
N VAL B 246 33.52 -5.02 -0.90
CA VAL B 246 33.67 -6.08 -1.90
C VAL B 246 33.41 -5.48 -3.28
N PRO B 247 34.47 -5.00 -3.95
CA PRO B 247 34.37 -4.27 -5.22
C PRO B 247 33.59 -5.02 -6.31
N ILE B 248 33.83 -6.33 -6.44
CA ILE B 248 33.19 -7.16 -7.46
C ILE B 248 31.66 -7.23 -7.36
N ALA B 249 31.12 -6.77 -6.22
CA ALA B 249 29.68 -6.91 -5.94
C ALA B 249 28.75 -5.77 -6.45
N GLY B 250 28.81 -4.55 -5.90
CA GLY B 250 29.72 -4.13 -4.84
C GLY B 250 30.41 -2.81 -5.10
N GLY B 251 31.46 -2.52 -4.35
CA GLY B 251 32.21 -1.27 -4.47
C GLY B 251 31.66 -0.21 -3.55
N PRO B 252 32.46 0.85 -3.28
CA PRO B 252 32.05 1.97 -2.43
C PRO B 252 30.86 2.78 -2.98
N TRP B 253 30.64 2.68 -4.29
CA TRP B 253 29.53 3.38 -4.94
C TRP B 253 28.36 2.45 -5.28
N LEU B 254 28.48 1.19 -4.87
CA LEU B 254 27.41 0.19 -4.97
C LEU B 254 26.90 0.01 -6.40
N ILE B 255 27.82 -0.39 -7.27
CA ILE B 255 27.52 -0.58 -8.69
C ILE B 255 27.10 -2.03 -8.93
N THR B 256 25.95 -2.19 -9.56
CA THR B 256 25.42 -3.52 -9.84
C THR B 256 26.03 -4.12 -11.10
N ASP B 257 26.72 -5.25 -10.92
CA ASP B 257 27.18 -6.08 -12.01
C ASP B 257 26.25 -7.28 -12.12
N MET B 258 25.56 -7.38 -13.25
CA MET B 258 24.58 -8.45 -13.45
C MET B 258 25.25 -9.78 -13.76
N ARG B 259 26.50 -9.72 -14.22
CA ARG B 259 27.24 -10.93 -14.56
C ARG B 259 28.04 -11.47 -13.38
N ARG B 260 27.65 -11.05 -12.16
CA ARG B 260 28.24 -11.56 -10.93
C ARG B 260 27.69 -12.96 -10.62
N GLY B 261 28.59 -13.87 -10.28
CA GLY B 261 28.24 -15.27 -10.08
C GLY B 261 28.20 -15.76 -8.64
N GLU B 262 29.05 -15.20 -7.79
CA GLU B 262 29.16 -15.62 -6.39
C GLU B 262 28.69 -14.54 -5.42
N THR B 263 28.03 -14.97 -4.33
CA THR B 263 27.61 -14.03 -3.28
C THR B 263 28.80 -13.52 -2.50
N ILE B 264 28.61 -12.44 -1.75
CA ILE B 264 29.66 -11.85 -0.92
C ILE B 264 30.16 -12.83 0.15
N PHE B 265 29.33 -13.82 0.48
CA PHE B 265 29.66 -14.83 1.48
C PHE B 265 30.53 -15.93 0.89
N GLU B 266 30.40 -16.12 -0.43
CA GLU B 266 31.21 -17.07 -1.17
C GLU B 266 32.55 -16.46 -1.58
N ILE B 267 32.54 -15.14 -1.80
CA ILE B 267 33.75 -14.39 -2.09
C ILE B 267 34.58 -14.24 -0.81
N ASP B 268 33.89 -14.08 0.32
CA ASP B 268 34.52 -14.00 1.64
C ASP B 268 33.62 -14.60 2.72
N PRO B 269 33.99 -15.80 3.22
CA PRO B 269 33.26 -16.45 4.30
C PRO B 269 33.40 -15.73 5.64
N HIS B 270 34.49 -14.95 5.78
CA HIS B 270 34.74 -14.15 6.99
C HIS B 270 33.65 -13.12 7.27
N LEU B 271 32.93 -12.71 6.23
CA LEU B 271 31.87 -11.71 6.34
C LEU B 271 30.67 -12.19 7.14
N GLN B 272 30.34 -13.47 7.01
CA GLN B 272 29.22 -14.08 7.74
C GLN B 272 29.31 -13.81 9.25
N GLU B 273 30.54 -13.78 9.75
CA GLU B 273 30.81 -13.49 11.16
C GLU B 273 30.37 -12.07 11.53
N ARG B 274 30.66 -11.12 10.62
CA ARG B 274 30.28 -9.72 10.81
C ARG B 274 28.78 -9.50 10.73
N VAL B 275 28.10 -10.36 9.96
CA VAL B 275 26.65 -10.36 9.90
C VAL B 275 26.11 -10.75 11.28
N ASP B 276 26.57 -11.90 11.78
CA ASP B 276 26.12 -12.44 13.06
C ASP B 276 26.52 -11.57 14.25
N LYS B 277 27.70 -10.97 14.18
CA LYS B 277 28.17 -10.04 15.21
C LYS B 277 27.25 -8.83 15.26
N GLY B 278 26.82 -8.37 14.09
CA GLY B 278 25.91 -7.24 13.97
C GLY B 278 24.53 -7.51 14.52
N ILE B 279 24.03 -8.73 14.30
CA ILE B 279 22.74 -9.17 14.84
C ILE B 279 22.78 -9.10 16.36
N GLU B 280 23.94 -9.39 16.94
CA GLU B 280 24.14 -9.28 18.39
C GLU B 280 24.23 -7.82 18.83
N THR B 281 24.89 -6.99 18.02
CA THR B 281 25.12 -5.59 18.35
C THR B 281 23.85 -4.73 18.16
N ASP B 282 23.32 -4.73 16.95
CA ASP B 282 22.17 -3.88 16.58
C ASP B 282 20.82 -4.57 16.81
N GLY B 283 20.81 -5.89 16.70
CA GLY B 283 19.57 -6.65 16.81
C GLY B 283 19.04 -7.06 15.45
N SER B 284 17.99 -7.87 15.44
CA SER B 284 17.42 -8.36 14.19
C SER B 284 16.14 -7.64 13.76
N ASN B 285 16.00 -7.43 12.46
CA ASN B 285 14.76 -6.92 11.88
C ASN B 285 13.75 -8.04 11.67
N LEU B 286 14.19 -9.28 11.85
CA LEU B 286 13.34 -10.45 11.62
C LEU B 286 12.42 -10.68 12.80
N SER B 287 11.12 -10.58 12.58
CA SER B 287 10.14 -10.75 13.65
C SER B 287 9.56 -12.16 13.69
N GLY B 288 9.71 -12.89 12.60
CA GLY B 288 9.10 -14.20 12.47
C GLY B 288 9.46 -14.88 11.16
N VAL B 289 9.01 -16.12 11.01
CA VAL B 289 9.40 -16.95 9.87
C VAL B 289 8.45 -18.13 9.72
N SER B 290 8.05 -18.41 8.48
CA SER B 290 7.30 -19.63 8.19
C SER B 290 8.25 -20.79 7.90
N ALA B 291 8.30 -21.73 8.83
CA ALA B 291 9.23 -22.85 8.73
C ALA B 291 8.62 -24.13 9.31
N LYS B 292 9.40 -25.20 9.37
CA LYS B 292 8.92 -26.45 9.93
C LYS B 292 9.16 -26.48 11.44
N CYS B 293 8.07 -26.42 12.20
CA CYS B 293 8.14 -26.35 13.66
C CYS B 293 6.89 -26.92 14.31
N ALA B 294 7.04 -27.38 15.55
CA ALA B 294 5.92 -27.90 16.33
C ALA B 294 6.24 -27.88 17.82
N TRP B 295 5.20 -27.95 18.65
CA TRP B 295 5.36 -27.99 20.09
C TRP B 295 4.40 -29.00 20.72
N ASP B 296 4.79 -29.55 21.86
CA ASP B 296 3.96 -30.52 22.56
C ASP B 296 3.93 -30.31 24.06
N ASP B 297 2.77 -30.57 24.66
CA ASP B 297 2.57 -30.41 26.08
C ASP B 297 3.00 -31.65 26.84
N LEU B 298 3.63 -31.45 27.99
CA LEU B 298 4.01 -32.55 28.87
C LEU B 298 3.26 -32.44 30.21
N SER B 299 2.43 -31.41 30.32
CA SER B 299 1.59 -31.18 31.49
C SER B 299 0.60 -32.31 31.74
N ARG B 300 0.03 -32.84 30.66
CA ARG B 300 -0.99 -33.90 30.70
C ARG B 300 -2.35 -33.35 30.30
N ILE B 361 -11.69 -20.69 21.74
CA ILE B 361 -10.78 -21.46 22.55
C ILE B 361 -10.41 -20.72 23.85
N ARG B 362 -9.73 -21.42 24.75
CA ARG B 362 -9.27 -20.81 25.99
C ARG B 362 -7.75 -20.96 26.13
N THR B 363 -7.16 -20.05 26.89
CA THR B 363 -5.73 -20.10 27.21
C THR B 363 -5.41 -21.31 28.07
N ARG B 364 -4.29 -21.95 27.78
CA ARG B 364 -3.82 -23.07 28.59
C ARG B 364 -2.47 -22.70 29.15
N GLN B 365 -2.28 -22.93 30.45
CA GLN B 365 -0.98 -22.75 31.06
C GLN B 365 -0.30 -24.10 31.23
N LEU B 366 0.79 -24.29 30.49
CA LEU B 366 1.50 -25.55 30.48
C LEU B 366 2.63 -25.56 31.51
N GLU B 367 2.69 -26.61 32.32
CA GLU B 367 3.75 -26.79 33.29
C GLU B 367 5.07 -27.12 32.57
N SER B 368 4.98 -27.92 31.52
CA SER B 368 6.17 -28.27 30.76
C SER B 368 5.87 -28.29 29.27
N VAL B 369 6.90 -28.10 28.46
CA VAL B 369 6.72 -28.00 27.02
C VAL B 369 7.91 -28.58 26.25
N HIS B 370 7.66 -29.02 25.02
CA HIS B 370 8.69 -29.58 24.16
C HIS B 370 8.62 -28.98 22.76
N LEU B 371 9.63 -28.21 22.40
CA LEU B 371 9.66 -27.50 21.12
C LEU B 371 10.48 -28.24 20.09
N LYS B 372 10.02 -28.22 18.84
CA LYS B 372 10.61 -29.01 17.76
C LYS B 372 10.87 -28.17 16.52
N PHE B 373 12.02 -28.41 15.89
CA PHE B 373 12.44 -27.68 14.70
C PHE B 373 13.23 -28.58 13.75
N ASN B 374 13.23 -28.24 12.45
CA ASN B 374 14.14 -28.88 11.50
C ASN B 374 15.48 -28.13 11.52
N GLN B 375 16.45 -28.59 10.73
CA GLN B 375 17.78 -27.96 10.72
C GLN B 375 17.74 -26.49 10.27
N GLU B 376 16.88 -26.17 9.31
CA GLU B 376 16.77 -24.83 8.77
C GLU B 376 16.17 -23.83 9.75
N SER B 377 15.03 -24.19 10.36
CA SER B 377 14.38 -23.33 11.34
C SER B 377 15.13 -23.33 12.67
N GLY B 378 15.75 -24.45 13.00
CA GLY B 378 16.59 -24.56 14.19
C GLY B 378 17.79 -23.64 14.11
N ALA B 379 18.28 -23.43 12.89
CA ALA B 379 19.43 -22.56 12.65
C ALA B 379 19.14 -21.08 12.96
N LEU B 380 17.86 -20.72 13.05
CA LEU B 380 17.45 -19.36 13.36
C LEU B 380 17.33 -19.09 14.86
N ILE B 381 17.40 -20.15 15.67
CA ILE B 381 17.25 -20.03 17.12
C ILE B 381 18.24 -19.04 17.75
N PRO B 382 19.55 -19.14 17.42
CA PRO B 382 20.49 -18.16 17.98
C PRO B 382 20.11 -16.72 17.62
N LEU B 383 19.71 -16.49 16.37
CA LEU B 383 19.19 -15.20 15.93
C LEU B 383 17.96 -14.79 16.74
N CYS B 384 17.02 -15.72 16.89
CA CYS B 384 15.83 -15.52 17.72
C CYS B 384 16.16 -15.11 19.15
N LEU B 385 17.18 -15.72 19.74
CA LEU B 385 17.56 -15.39 21.11
C LEU B 385 18.48 -14.18 21.19
N ARG B 386 19.63 -14.25 20.51
CA ARG B 386 20.69 -13.24 20.57
C ARG B 386 20.27 -11.88 20.01
N GLY B 387 19.44 -11.90 18.97
CA GLY B 387 19.08 -10.69 18.24
C GLY B 387 17.65 -10.19 18.42
N ARG B 388 16.82 -10.97 19.12
CA ARG B 388 15.45 -10.56 19.37
C ARG B 388 15.14 -10.46 20.85
N LEU B 389 15.21 -11.61 21.54
CA LEU B 389 14.86 -11.66 22.95
C LEU B 389 15.83 -10.88 23.82
N LEU B 390 17.12 -10.98 23.51
CA LEU B 390 18.14 -10.22 24.21
C LEU B 390 18.00 -8.72 23.98
N HIS B 391 17.23 -8.34 22.96
CA HIS B 391 16.94 -6.93 22.72
C HIS B 391 15.53 -6.53 23.15
N GLY B 392 14.88 -7.39 23.92
CA GLY B 392 13.56 -7.09 24.44
C GLY B 392 12.46 -7.18 23.39
N ARG B 393 12.80 -7.70 22.21
CA ARG B 393 11.83 -7.91 21.15
C ARG B 393 11.35 -9.36 21.18
N HIS B 394 10.60 -9.78 20.16
CA HIS B 394 10.01 -11.11 20.16
C HIS B 394 10.35 -11.88 18.87
N PHE B 395 9.93 -13.13 18.78
CA PHE B 395 10.07 -13.91 17.55
C PHE B 395 9.02 -15.00 17.43
N THR B 396 8.47 -15.17 16.23
CA THR B 396 7.39 -16.13 15.99
C THR B 396 7.74 -17.14 14.90
N TYR B 397 7.73 -18.42 15.27
CA TYR B 397 7.82 -19.50 14.31
C TYR B 397 6.42 -19.96 13.92
N LYS B 398 6.14 -19.97 12.62
CA LYS B 398 4.87 -20.48 12.10
C LYS B 398 5.10 -21.74 11.27
N SER B 399 4.38 -22.81 11.58
CA SER B 399 4.49 -24.06 10.82
C SER B 399 3.86 -23.87 9.45
N ILE B 400 4.61 -24.22 8.40
CA ILE B 400 4.14 -24.07 7.02
C ILE B 400 2.88 -24.92 6.80
N THR B 401 2.87 -26.10 7.40
CA THR B 401 1.70 -26.97 7.37
C THR B 401 0.95 -26.88 8.70
N GLY B 402 -0.23 -26.26 8.68
CA GLY B 402 -1.16 -26.33 9.80
C GLY B 402 -1.36 -25.10 10.67
N ASP B 403 -1.98 -25.34 11.82
CA ASP B 403 -2.39 -24.29 12.76
C ASP B 403 -1.26 -23.82 13.68
N MET B 404 -0.32 -24.73 13.94
CA MET B 404 0.70 -24.57 14.98
C MET B 404 1.63 -23.35 14.83
N ALA B 405 1.86 -22.66 15.94
CA ALA B 405 2.76 -21.52 16.00
C ALA B 405 3.45 -21.40 17.36
N ILE B 406 4.71 -20.98 17.35
CA ILE B 406 5.45 -20.71 18.58
C ILE B 406 5.98 -19.27 18.57
N THR B 407 5.63 -18.51 19.61
CA THR B 407 6.16 -17.16 19.78
C THR B 407 7.06 -17.08 21.01
N PHE B 408 8.32 -16.76 20.77
CA PHE B 408 9.28 -16.51 21.84
C PHE B 408 9.14 -15.06 22.26
N VAL B 409 9.06 -14.83 23.57
CA VAL B 409 8.93 -13.47 24.10
C VAL B 409 9.89 -13.20 25.25
N SER B 410 10.27 -11.94 25.39
CA SER B 410 11.10 -11.47 26.50
C SER B 410 10.24 -10.83 27.59
N THR B 411 10.87 -10.31 28.64
CA THR B 411 10.13 -9.70 29.75
C THR B 411 9.60 -8.31 29.40
N GLY B 412 10.22 -7.67 28.40
CA GLY B 412 9.86 -6.30 28.01
C GLY B 412 8.62 -6.15 27.15
N VAL B 413 8.14 -7.27 26.59
CA VAL B 413 6.98 -7.24 25.70
C VAL B 413 5.65 -7.04 26.45
N GLU B 414 4.78 -6.23 25.84
CA GLU B 414 3.46 -5.94 26.40
C GLU B 414 2.40 -6.76 25.67
N GLY B 415 1.38 -7.20 26.41
CA GLY B 415 0.26 -7.92 25.81
C GLY B 415 0.48 -9.41 25.64
N ALA B 416 1.60 -9.90 26.15
CA ALA B 416 1.86 -11.34 26.16
C ALA B 416 0.96 -11.99 27.20
N PHE B 417 0.47 -13.20 26.91
CA PHE B 417 -0.26 -13.96 27.91
C PHE B 417 0.62 -14.99 28.61
N ALA B 418 1.90 -14.96 28.28
CA ALA B 418 2.91 -15.75 28.97
C ALA B 418 3.71 -14.84 29.89
N THR B 419 3.69 -15.14 31.18
CA THR B 419 4.43 -14.36 32.18
C THR B 419 5.56 -15.21 32.75
N GLU B 420 6.38 -14.61 33.61
CA GLU B 420 7.46 -15.33 34.29
C GLU B 420 6.94 -16.46 35.16
N GLU B 421 5.78 -16.25 35.77
CA GLU B 421 5.19 -17.21 36.69
C GLU B 421 4.60 -18.41 35.95
N HIS B 422 3.99 -18.12 34.79
CA HIS B 422 3.53 -19.17 33.88
C HIS B 422 4.12 -18.89 32.50
N PRO B 423 5.38 -19.33 32.29
CA PRO B 423 6.16 -18.95 31.10
C PRO B 423 5.73 -19.68 29.83
N TYR B 424 4.95 -20.74 29.98
CA TYR B 424 4.44 -21.50 28.83
C TYR B 424 2.93 -21.42 28.80
N ALA B 425 2.41 -20.74 27.80
CA ALA B 425 0.97 -20.58 27.63
C ALA B 425 0.58 -20.66 26.16
N ALA B 426 -0.57 -21.27 25.91
CA ALA B 426 -1.05 -21.43 24.54
C ALA B 426 -2.52 -21.06 24.38
N HIS B 427 -2.80 -20.22 23.39
CA HIS B 427 -4.15 -19.97 22.94
C HIS B 427 -4.38 -20.87 21.75
N GLY B 428 -5.02 -22.02 22.02
CA GLY B 428 -5.18 -23.06 21.02
C GLY B 428 -3.85 -23.68 20.65
N PRO B 429 -3.50 -23.67 19.34
CA PRO B 429 -2.23 -24.18 18.85
C PRO B 429 -1.09 -23.15 18.89
N TRP B 430 -1.39 -21.94 19.32
CA TRP B 430 -0.40 -20.87 19.36
C TRP B 430 0.28 -20.80 20.72
N LEU B 431 1.54 -21.21 20.76
CA LEU B 431 2.31 -21.29 22.01
C LEU B 431 3.14 -20.02 22.21
N GLN B 432 3.07 -19.48 23.41
CA GLN B 432 3.91 -18.35 23.79
C GLN B 432 4.86 -18.77 24.90
N ILE B 433 6.14 -18.60 24.65
CA ILE B 433 7.13 -18.95 25.66
C ILE B 433 7.92 -17.74 26.11
N LEU B 434 7.83 -17.45 27.40
CA LEU B 434 8.54 -16.34 28.04
C LEU B 434 9.87 -16.84 28.59
N LEU B 435 10.97 -16.22 28.17
CA LEU B 435 12.32 -16.59 28.60
C LEU B 435 13.08 -15.37 29.12
N THR B 436 13.57 -15.45 30.35
CA THR B 436 14.31 -14.36 30.99
C THR B 436 15.68 -14.13 30.38
N GLU B 437 16.23 -12.94 30.60
CA GLU B 437 17.54 -12.56 30.07
C GLU B 437 18.64 -13.47 30.60
N GLU B 438 18.58 -13.77 31.89
CA GLU B 438 19.57 -14.62 32.54
C GLU B 438 19.55 -16.03 31.97
N PHE B 439 18.36 -16.53 31.64
CA PHE B 439 18.19 -17.90 31.17
C PHE B 439 18.58 -18.10 29.71
N VAL B 440 18.24 -17.15 28.85
CA VAL B 440 18.59 -17.27 27.44
C VAL B 440 20.10 -17.30 27.21
N GLU B 441 20.84 -16.58 28.07
CA GLU B 441 22.31 -16.59 28.04
C GLU B 441 22.85 -17.98 28.31
N LYS B 442 22.19 -18.69 29.22
CA LYS B 442 22.54 -20.06 29.60
C LYS B 442 22.22 -21.03 28.46
N MET B 443 21.10 -20.79 27.78
CA MET B 443 20.69 -21.57 26.63
C MET B 443 21.69 -21.42 25.49
N LEU B 444 22.14 -20.19 25.27
CA LEU B 444 23.08 -19.87 24.20
C LEU B 444 24.45 -20.48 24.44
N GLU B 445 24.76 -20.79 25.69
CA GLU B 445 25.98 -21.52 26.05
C GLU B 445 25.86 -22.98 25.63
N ASP B 446 24.66 -23.54 25.78
CA ASP B 446 24.38 -24.91 25.34
C ASP B 446 24.26 -24.99 23.82
N LEU B 447 23.55 -24.03 23.23
CA LEU B 447 23.30 -24.03 21.79
C LEU B 447 24.47 -23.46 20.97
N GLU B 448 25.28 -24.38 20.45
CA GLU B 448 26.30 -24.06 19.45
C GLU B 448 25.78 -24.47 18.09
N ASP B 449 26.32 -23.87 17.02
CA ASP B 449 25.84 -24.13 15.65
C ASP B 449 25.28 -25.54 15.44
N LEU B 450 23.98 -25.67 15.12
CA LEU B 450 22.99 -24.57 15.04
C LEU B 450 23.48 -23.22 14.50
N PHE B 456 26.54 -33.66 11.65
CA PHE B 456 25.36 -33.29 12.41
C PHE B 456 24.51 -34.52 12.78
N LYS B 457 24.70 -35.01 14.00
CA LYS B 457 23.95 -36.15 14.51
C LYS B 457 22.55 -35.74 14.96
N LEU B 458 21.56 -35.99 14.10
CA LEU B 458 20.16 -35.69 14.39
C LEU B 458 19.37 -36.98 14.62
N PRO B 459 18.41 -36.97 15.57
CA PRO B 459 17.92 -35.84 16.37
C PRO B 459 18.92 -35.27 17.37
N LYS B 460 19.08 -33.95 17.36
CA LYS B 460 19.88 -33.24 18.34
C LYS B 460 18.97 -32.69 19.43
N GLU B 461 19.04 -33.27 20.63
CA GLU B 461 18.15 -32.89 21.72
C GLU B 461 18.83 -32.03 22.77
N TYR B 462 18.06 -31.09 23.32
CA TYR B 462 18.46 -30.26 24.45
C TYR B 462 17.36 -30.30 25.49
N SER B 463 17.74 -30.25 26.76
CA SER B 463 16.77 -30.34 27.86
C SER B 463 17.21 -29.56 29.10
N TRP B 464 16.30 -28.75 29.64
CA TRP B 464 16.52 -28.05 30.90
C TRP B 464 15.40 -28.43 31.87
N PRO B 465 15.62 -29.50 32.68
CA PRO B 465 14.63 -30.04 33.60
C PRO B 465 14.20 -29.03 34.67
N GLU B 466 15.09 -28.11 35.01
CA GLU B 466 14.80 -27.05 35.99
C GLU B 466 13.77 -26.05 35.47
N LYS B 467 13.61 -26.00 34.15
CA LYS B 467 12.63 -25.14 33.49
C LYS B 467 11.51 -25.96 32.84
N LYS B 468 11.70 -27.28 32.84
CA LYS B 468 10.77 -28.21 32.21
C LYS B 468 10.60 -27.93 30.71
N LEU B 469 11.74 -27.74 30.03
CA LEU B 469 11.78 -27.35 28.63
C LEU B 469 12.69 -28.28 27.82
N LYS B 470 12.17 -28.77 26.70
CA LYS B 470 12.96 -29.54 25.74
C LYS B 470 12.92 -28.92 24.36
N VAL B 471 14.09 -28.71 23.77
CA VAL B 471 14.21 -28.27 22.38
C VAL B 471 14.95 -29.34 21.59
N SER B 472 14.30 -29.85 20.54
CA SER B 472 14.90 -30.86 19.69
C SER B 472 14.93 -30.43 18.23
N ILE B 473 16.07 -30.66 17.58
CA ILE B 473 16.26 -30.36 16.17
C ILE B 473 16.25 -31.69 15.40
N LEU B 474 15.25 -31.84 14.54
CA LEU B 474 14.95 -33.12 13.90
C LEU B 474 15.09 -33.06 12.37
N PRO B 475 15.14 -34.23 11.70
CA PRO B 475 15.06 -34.24 10.24
C PRO B 475 13.65 -33.88 9.76
N ASP B 476 13.57 -33.39 8.52
CA ASP B 476 12.32 -32.86 7.96
C ASP B 476 11.17 -33.88 7.86
N VAL B 477 11.51 -35.16 7.88
CA VAL B 477 10.53 -36.24 7.77
C VAL B 477 9.41 -36.14 8.81
N VAL B 478 9.79 -35.71 10.02
CA VAL B 478 8.86 -35.56 11.14
C VAL B 478 7.68 -34.65 10.77
N PHE B 479 8.01 -33.49 10.22
CA PHE B 479 7.02 -32.47 9.88
C PHE B 479 6.34 -32.76 8.54
N ASP B 480 6.94 -33.66 7.76
CA ASP B 480 6.36 -34.12 6.49
C ASP B 480 5.49 -35.35 6.74
N SER B 481 4.82 -35.38 7.90
CA SER B 481 3.99 -36.50 8.31
C SER B 481 2.98 -36.05 9.37
#